data_2QX3
#
_entry.id   2QX3
#
_cell.length_a   47.183
_cell.length_b   53.158
_cell.length_c   73.057
_cell.angle_alpha   71.720
_cell.angle_beta   80.030
_cell.angle_gamma   69.100
#
_symmetry.space_group_name_H-M   'P 1'
#
loop_
_entity.id
_entity.type
_entity.pdbx_description
1 polymer 'Pectate lyase II'
2 non-polymer 'PHOSPHATE ION'
3 water water
#
_entity_poly.entity_id   1
_entity_poly.type   'polypeptide(L)'
_entity_poly.pdbx_seq_one_letter_code
;GPVGYGAATTGGGNKVPVNVATFEAMQSAIDSYSGSGGLVLNYTGKFDFGTIKDVCAQWKLPAKTVQIKNKSDVTIKGAN
GSAANFGIRVVGNAHNVIIQNMTIGLLQGGEDADSISLEGNSSGEPSKIWVDHNTVFASLTKCSGAGDASFDGGIDMKKG
VHHVTVSYNYVYNYQKVALNGYSDSDTKNSAARTTYHHNRFENVESRVPLQRRGLSHIYNNYFNNVTTSGINVRMGGIAK
IESNYFENIKNPVTSRDSSEIGYWDLINNYVGSGITWGTPDGSKPYANATNWISTKVFPESLGYIYTVTPAAQVKAKVIA
TAGAGKNLAE
;
_entity_poly.pdbx_strand_id   A,B
#
loop_
_chem_comp.id
_chem_comp.type
_chem_comp.name
_chem_comp.formula
PO4 non-polymer 'PHOSPHATE ION' 'O4 P -3'
#
# COMPACT_ATOMS: atom_id res chain seq x y z
N GLY A 1 -29.05 13.76 10.43
CA GLY A 1 -27.60 13.79 10.09
C GLY A 1 -26.75 12.96 11.03
N PRO A 2 -25.42 13.10 10.91
CA PRO A 2 -24.45 12.36 11.73
C PRO A 2 -24.45 12.79 13.21
N VAL A 3 -24.28 11.82 14.09
CA VAL A 3 -24.14 12.04 15.52
C VAL A 3 -22.72 11.64 15.92
N GLY A 4 -22.04 12.48 16.69
CA GLY A 4 -20.70 12.16 17.17
C GLY A 4 -19.59 13.02 16.60
N TYR A 5 -18.37 12.48 16.58
CA TYR A 5 -17.20 13.22 16.18
C TYR A 5 -17.24 13.68 14.71
N GLY A 6 -18.05 13.01 13.89
CA GLY A 6 -18.27 13.45 12.51
C GLY A 6 -19.55 14.25 12.31
N ALA A 7 -20.06 14.86 13.37
CA ALA A 7 -21.36 15.55 13.33
C ALA A 7 -21.45 16.71 12.34
N ALA A 8 -20.32 17.38 12.09
CA ALA A 8 -20.32 18.50 11.15
C ALA A 8 -20.38 18.09 9.67
N THR A 9 -20.24 16.78 9.39
CA THR A 9 -20.16 16.28 8.00
C THR A 9 -21.45 16.55 7.22
N THR A 10 -21.32 17.14 6.02
CA THR A 10 -22.47 17.40 5.13
C THR A 10 -22.30 16.78 3.75
N GLY A 11 -21.09 16.29 3.47
CA GLY A 11 -20.76 15.69 2.17
C GLY A 11 -21.04 16.64 1.03
N GLY A 12 -21.74 16.15 0.01
CA GLY A 12 -22.11 17.00 -1.14
C GLY A 12 -23.42 17.77 -0.95
N GLY A 13 -23.97 17.74 0.25
CA GLY A 13 -25.19 18.48 0.61
C GLY A 13 -26.37 18.23 -0.33
N ASN A 14 -27.04 19.31 -0.73
CA ASN A 14 -28.21 19.24 -1.63
C ASN A 14 -27.91 19.33 -3.12
N LYS A 15 -26.65 19.14 -3.51
CA LYS A 15 -26.33 19.12 -4.93
C LYS A 15 -27.09 17.99 -5.62
N VAL A 16 -27.56 18.27 -6.82
CA VAL A 16 -28.20 17.27 -7.67
C VAL A 16 -27.28 16.05 -7.88
N PRO A 17 -27.74 14.86 -7.43
CA PRO A 17 -26.93 13.65 -7.56
C PRO A 17 -26.55 13.33 -9.00
N VAL A 18 -25.31 12.88 -9.17
CA VAL A 18 -24.83 12.32 -10.42
C VAL A 18 -24.98 10.81 -10.35
N ASN A 19 -25.86 10.26 -11.18
CA ASN A 19 -26.01 8.82 -11.27
C ASN A 19 -24.75 8.19 -11.87
N VAL A 20 -24.26 7.15 -11.19
CA VAL A 20 -23.09 6.40 -11.64
C VAL A 20 -23.39 4.91 -11.54
N ALA A 21 -23.26 4.19 -12.66
CA ALA A 21 -23.68 2.78 -12.75
C ALA A 21 -22.56 1.76 -12.49
N THR A 22 -21.31 2.22 -12.57
CA THR A 22 -20.14 1.35 -12.41
C THR A 22 -19.09 2.04 -11.54
N PHE A 23 -18.07 1.33 -11.09
CA PHE A 23 -17.01 2.02 -10.34
C PHE A 23 -16.15 2.93 -11.22
N GLU A 24 -16.10 2.63 -12.52
N GLU A 24 -16.08 2.64 -12.51
CA GLU A 24 -15.38 3.47 -13.48
CA GLU A 24 -15.37 3.49 -13.48
C GLU A 24 -16.06 4.83 -13.64
C GLU A 24 -16.07 4.84 -13.67
N ALA A 25 -17.40 4.80 -13.78
CA ALA A 25 -18.22 6.01 -13.87
C ALA A 25 -18.13 6.83 -12.58
N MET A 26 -18.10 6.14 -11.44
CA MET A 26 -17.93 6.80 -10.15
C MET A 26 -16.57 7.50 -10.10
N GLN A 27 -15.52 6.79 -10.49
CA GLN A 27 -14.16 7.34 -10.48
C GLN A 27 -14.03 8.53 -11.42
N SER A 28 -14.54 8.37 -12.64
CA SER A 28 -14.56 9.45 -13.63
C SER A 28 -15.25 10.70 -13.10
N ALA A 29 -16.41 10.55 -12.44
CA ALA A 29 -17.08 11.71 -11.85
C ALA A 29 -16.23 12.40 -10.78
N ILE A 30 -15.58 11.61 -9.92
CA ILE A 30 -14.62 12.15 -8.95
C ILE A 30 -13.44 12.90 -9.63
N ASP A 31 -12.86 12.28 -10.66
CA ASP A 31 -11.73 12.88 -11.39
C ASP A 31 -12.08 14.22 -12.09
N SER A 32 -13.31 14.34 -12.58
CA SER A 32 -13.77 15.58 -13.25
C SER A 32 -14.12 16.68 -12.25
N TYR A 33 -14.48 16.27 -11.05
CA TYR A 33 -14.89 17.17 -9.98
C TYR A 33 -13.76 18.15 -9.64
N SER A 34 -14.10 19.42 -9.41
CA SER A 34 -13.12 20.46 -9.13
C SER A 34 -12.40 20.26 -7.79
N GLY A 35 -13.07 19.60 -6.85
CA GLY A 35 -12.45 19.26 -5.57
C GLY A 35 -13.11 19.87 -4.35
N SER A 36 -14.02 20.82 -4.55
CA SER A 36 -14.79 21.43 -3.45
C SER A 36 -16.09 22.05 -3.95
N GLY A 37 -16.98 22.37 -3.04
CA GLY A 37 -18.25 22.98 -3.41
C GLY A 37 -19.43 22.01 -3.39
N GLY A 38 -19.14 20.72 -3.59
CA GLY A 38 -20.18 19.71 -3.44
C GLY A 38 -20.37 18.80 -4.63
N LEU A 39 -20.30 17.49 -4.37
CA LEU A 39 -20.56 16.48 -5.36
C LEU A 39 -21.34 15.35 -4.69
N VAL A 40 -22.46 14.94 -5.29
CA VAL A 40 -23.23 13.81 -4.79
C VAL A 40 -23.29 12.75 -5.88
N LEU A 41 -22.84 11.55 -5.55
CA LEU A 41 -22.85 10.43 -6.47
C LEU A 41 -23.86 9.37 -6.03
N ASN A 42 -24.84 9.13 -6.89
CA ASN A 42 -25.83 8.09 -6.68
C ASN A 42 -25.43 6.84 -7.41
N TYR A 43 -24.94 5.85 -6.67
CA TYR A 43 -24.50 4.60 -7.27
C TYR A 43 -25.64 3.61 -7.51
N THR A 44 -25.82 3.22 -8.78
CA THR A 44 -26.96 2.42 -9.22
C THR A 44 -26.61 1.00 -9.65
N GLY A 45 -25.32 0.67 -9.71
CA GLY A 45 -24.90 -0.68 -10.12
C GLY A 45 -25.42 -1.77 -9.17
N LYS A 46 -25.73 -2.93 -9.74
CA LYS A 46 -26.26 -4.05 -8.97
CA LYS A 46 -26.27 -4.05 -8.98
C LYS A 46 -25.40 -5.30 -9.19
N PHE A 47 -24.27 -5.36 -8.52
CA PHE A 47 -23.39 -6.51 -8.66
C PHE A 47 -24.03 -7.81 -8.14
N ASP A 48 -23.93 -8.86 -8.95
CA ASP A 48 -24.48 -10.16 -8.58
C ASP A 48 -23.40 -10.98 -7.90
N PHE A 49 -23.47 -11.07 -6.58
CA PHE A 49 -22.46 -11.76 -5.79
C PHE A 49 -22.44 -13.27 -6.07
N GLY A 50 -23.54 -13.77 -6.64
CA GLY A 50 -23.62 -15.15 -7.08
C GLY A 50 -22.67 -15.47 -8.23
N THR A 51 -22.12 -14.44 -8.87
CA THR A 51 -21.15 -14.64 -9.95
C THR A 51 -19.77 -15.04 -9.42
N ILE A 52 -19.53 -14.80 -8.13
CA ILE A 52 -18.29 -15.23 -7.47
C ILE A 52 -18.52 -16.66 -6.96
N LYS A 53 -18.01 -17.63 -7.72
CA LYS A 53 -18.29 -19.03 -7.47
C LYS A 53 -17.30 -19.62 -6.50
N ASP A 54 -16.18 -18.94 -6.30
CA ASP A 54 -15.12 -19.41 -5.41
C ASP A 54 -14.51 -18.28 -4.60
N VAL A 55 -14.69 -18.34 -3.29
CA VAL A 55 -14.44 -17.20 -2.43
C VAL A 55 -12.93 -17.02 -2.26
N CYS A 56 -12.18 -17.90 -2.92
CA CYS A 56 -10.73 -17.91 -2.82
C CYS A 56 -10.09 -17.53 -4.15
N ALA A 57 -10.92 -17.21 -5.14
CA ALA A 57 -10.45 -16.60 -6.38
C ALA A 57 -10.06 -15.15 -6.17
N GLN A 58 -10.61 -14.52 -5.12
CA GLN A 58 -10.57 -13.05 -5.00
C GLN A 58 -9.19 -12.46 -4.68
N TRP A 59 -8.49 -13.09 -3.74
CA TRP A 59 -7.27 -12.53 -3.20
C TRP A 59 -6.13 -12.36 -4.21
N LYS A 60 -6.14 -13.17 -5.26
N LYS A 60 -6.13 -13.21 -5.23
CA LYS A 60 -5.07 -13.14 -6.23
CA LYS A 60 -5.10 -13.17 -6.28
C LYS A 60 -5.34 -12.17 -7.39
C LYS A 60 -5.31 -11.95 -7.17
N LEU A 61 -6.57 -11.66 -7.44
CA LEU A 61 -6.99 -10.69 -8.45
C LEU A 61 -6.69 -9.27 -7.97
N PRO A 62 -6.39 -8.33 -8.89
CA PRO A 62 -6.10 -6.96 -8.44
C PRO A 62 -7.32 -6.24 -7.85
N ALA A 63 -7.07 -5.35 -6.90
CA ALA A 63 -8.14 -4.59 -6.24
C ALA A 63 -8.90 -3.68 -7.20
N LYS A 64 -10.20 -3.55 -6.94
CA LYS A 64 -11.05 -2.59 -7.61
C LYS A 64 -11.50 -1.57 -6.56
N THR A 65 -10.94 -0.37 -6.65
CA THR A 65 -11.10 0.64 -5.60
C THR A 65 -11.30 2.02 -6.20
N VAL A 66 -12.34 2.70 -5.73
CA VAL A 66 -12.59 4.08 -6.07
C VAL A 66 -11.82 4.96 -5.08
N GLN A 67 -11.28 6.06 -5.59
CA GLN A 67 -10.43 6.96 -4.81
C GLN A 67 -10.98 8.36 -4.76
N ILE A 68 -11.18 8.88 -3.55
CA ILE A 68 -11.35 10.32 -3.36
C ILE A 68 -10.05 10.79 -2.75
N LYS A 69 -9.24 11.47 -3.57
CA LYS A 69 -7.90 11.87 -3.17
C LYS A 69 -7.77 13.38 -3.27
N ASN A 70 -7.45 14.01 -2.14
CA ASN A 70 -7.39 15.47 -2.04
C ASN A 70 -8.60 16.19 -2.65
N LYS A 71 -9.79 15.64 -2.39
CA LYS A 71 -11.02 16.32 -2.79
C LYS A 71 -12.05 16.29 -1.66
N SER A 72 -12.86 17.34 -1.58
CA SER A 72 -13.74 17.54 -0.43
C SER A 72 -15.21 17.74 -0.84
N ASP A 73 -16.11 17.65 0.13
CA ASP A 73 -17.52 17.95 -0.10
C ASP A 73 -18.16 16.91 -1.00
N VAL A 74 -18.02 15.64 -0.64
CA VAL A 74 -18.48 14.55 -1.49
C VAL A 74 -19.40 13.60 -0.72
N THR A 75 -20.56 13.32 -1.29
CA THR A 75 -21.36 12.18 -0.87
C THR A 75 -21.30 11.04 -1.88
N ILE A 76 -20.99 9.85 -1.40
CA ILE A 76 -21.21 8.63 -2.17
C ILE A 76 -22.36 7.89 -1.52
N LYS A 77 -23.45 7.72 -2.25
CA LYS A 77 -24.60 6.99 -1.75
CA LYS A 77 -24.56 6.94 -1.73
C LYS A 77 -25.09 5.90 -2.70
N GLY A 78 -25.33 4.70 -2.15
CA GLY A 78 -25.88 3.62 -2.93
C GLY A 78 -27.38 3.82 -3.05
N ALA A 79 -27.90 3.63 -4.26
CA ALA A 79 -29.34 3.51 -4.44
C ALA A 79 -29.81 2.24 -3.71
N ASN A 80 -31.11 2.19 -3.37
CA ASN A 80 -31.65 0.98 -2.74
CA ASN A 80 -31.67 0.99 -2.75
C ASN A 80 -31.54 -0.20 -3.70
N GLY A 81 -31.10 -1.33 -3.16
CA GLY A 81 -30.85 -2.51 -3.96
C GLY A 81 -29.52 -2.50 -4.72
N SER A 82 -28.76 -1.40 -4.62
CA SER A 82 -27.45 -1.32 -5.28
C SER A 82 -26.45 -2.21 -4.56
N ALA A 83 -25.52 -2.78 -5.32
CA ALA A 83 -24.44 -3.59 -4.75
C ALA A 83 -23.14 -3.37 -5.50
N ALA A 84 -22.05 -3.31 -4.74
CA ALA A 84 -20.72 -3.00 -5.25
C ALA A 84 -19.71 -4.11 -4.97
N ASN A 85 -18.97 -4.49 -5.99
CA ASN A 85 -17.81 -5.38 -5.83
C ASN A 85 -16.54 -4.55 -5.99
N PHE A 86 -16.58 -3.33 -5.46
CA PHE A 86 -15.43 -2.45 -5.39
C PHE A 86 -15.48 -1.73 -4.06
N GLY A 87 -14.31 -1.20 -3.65
CA GLY A 87 -14.15 -0.49 -2.38
C GLY A 87 -13.91 0.99 -2.62
N ILE A 88 -13.77 1.73 -1.53
CA ILE A 88 -13.67 3.18 -1.56
C ILE A 88 -12.53 3.61 -0.62
N ARG A 89 -11.63 4.44 -1.13
CA ARG A 89 -10.58 5.07 -0.30
C ARG A 89 -10.79 6.57 -0.30
N VAL A 90 -10.64 7.18 0.88
CA VAL A 90 -10.52 8.63 0.99
C VAL A 90 -9.15 9.00 1.55
N VAL A 91 -8.37 9.72 0.74
CA VAL A 91 -6.96 9.86 1.04
CA VAL A 91 -6.92 9.84 0.91
C VAL A 91 -6.44 11.31 0.97
N GLY A 92 -5.59 11.62 1.95
CA GLY A 92 -4.88 12.90 2.05
C GLY A 92 -5.72 14.09 2.47
N ASN A 93 -5.52 15.21 1.78
CA ASN A 93 -6.19 16.46 2.08
C ASN A 93 -7.63 16.42 1.55
N ALA A 94 -8.41 15.52 2.13
CA ALA A 94 -9.75 15.21 1.66
C ALA A 94 -10.69 15.29 2.84
N HIS A 95 -11.72 16.13 2.75
CA HIS A 95 -12.54 16.45 3.91
C HIS A 95 -14.03 16.50 3.61
N ASN A 96 -14.85 16.21 4.62
CA ASN A 96 -16.30 16.40 4.51
C ASN A 96 -16.89 15.42 3.50
N VAL A 97 -16.83 14.14 3.87
CA VAL A 97 -17.20 13.07 2.95
C VAL A 97 -18.22 12.18 3.61
N ILE A 98 -19.30 11.89 2.89
CA ILE A 98 -20.29 10.92 3.32
C ILE A 98 -20.24 9.68 2.43
N ILE A 99 -20.20 8.51 3.07
CA ILE A 99 -20.32 7.24 2.36
C ILE A 99 -21.49 6.49 2.99
N GLN A 100 -22.53 6.25 2.19
CA GLN A 100 -23.81 5.83 2.73
C GLN A 100 -24.56 4.85 1.85
N ASN A 101 -25.26 3.91 2.48
CA ASN A 101 -26.13 2.94 1.80
C ASN A 101 -25.44 2.09 0.73
N MET A 102 -24.14 1.84 0.92
CA MET A 102 -23.39 0.99 0.01
C MET A 102 -23.36 -0.45 0.52
N THR A 103 -23.57 -1.40 -0.38
CA THR A 103 -23.37 -2.81 -0.06
C THR A 103 -22.12 -3.25 -0.80
N ILE A 104 -21.11 -3.62 -0.02
CA ILE A 104 -19.76 -3.87 -0.52
C ILE A 104 -19.32 -5.25 -0.06
N GLY A 105 -19.17 -6.18 -1.00
CA GLY A 105 -18.83 -7.55 -0.65
C GLY A 105 -17.79 -8.25 -1.51
N LEU A 106 -17.06 -9.17 -0.89
CA LEU A 106 -16.28 -10.16 -1.62
C LEU A 106 -15.30 -9.50 -2.59
N LEU A 107 -14.49 -8.59 -2.08
CA LEU A 107 -13.64 -7.78 -2.94
C LEU A 107 -12.39 -8.52 -3.35
N GLN A 108 -11.93 -8.24 -4.57
CA GLN A 108 -10.65 -8.70 -5.07
C GLN A 108 -9.51 -7.96 -4.40
N GLY A 109 -8.36 -8.63 -4.27
CA GLY A 109 -7.12 -7.94 -3.95
C GLY A 109 -6.44 -8.45 -2.70
N GLY A 110 -7.14 -9.28 -1.94
CA GLY A 110 -6.61 -9.82 -0.68
C GLY A 110 -6.17 -8.75 0.28
N GLU A 111 -4.88 -8.69 0.57
CA GLU A 111 -4.35 -7.67 1.48
C GLU A 111 -4.65 -6.26 0.93
N ASP A 112 -4.89 -6.17 -0.37
CA ASP A 112 -5.25 -4.90 -1.02
C ASP A 112 -6.76 -4.69 -1.16
N ALA A 113 -7.55 -5.64 -0.68
CA ALA A 113 -9.01 -5.56 -0.80
C ALA A 113 -9.64 -4.66 0.27
N ASP A 114 -9.38 -3.36 0.17
N ASP A 114 -9.36 -3.35 0.20
CA ASP A 114 -9.98 -2.36 1.07
CA ASP A 114 -9.95 -2.43 1.18
C ASP A 114 -11.46 -2.15 0.77
C ASP A 114 -11.39 -2.02 0.84
N SER A 115 -12.30 -2.15 1.82
CA SER A 115 -13.73 -1.87 1.63
C SER A 115 -14.01 -0.38 1.72
N ILE A 116 -13.82 0.18 2.91
CA ILE A 116 -13.92 1.63 3.11
C ILE A 116 -12.69 2.00 3.92
N SER A 117 -11.78 2.72 3.29
CA SER A 117 -10.49 3.03 3.92
C SER A 117 -10.16 4.53 3.90
N LEU A 118 -9.92 5.09 5.08
CA LEU A 118 -9.62 6.51 5.20
C LEU A 118 -8.19 6.73 5.66
N GLU A 119 -7.44 7.50 4.88
CA GLU A 119 -5.98 7.49 4.98
C GLU A 119 -5.35 8.87 4.96
N GLY A 120 -4.69 9.20 6.07
CA GLY A 120 -3.80 10.36 6.12
C GLY A 120 -2.52 10.06 5.33
N ASN A 121 -1.88 11.11 4.83
CA ASN A 121 -0.57 11.00 4.17
C ASN A 121 0.17 12.33 4.27
N SER A 122 1.30 12.45 3.55
CA SER A 122 2.15 13.64 3.67
C SER A 122 1.48 14.92 3.16
N SER A 123 0.40 14.77 2.39
CA SER A 123 -0.35 15.93 1.90
C SER A 123 -1.43 16.43 2.87
N GLY A 124 -1.74 15.64 3.89
CA GLY A 124 -2.83 15.95 4.83
C GLY A 124 -3.57 14.71 5.31
N GLU A 125 -4.53 14.92 6.21
CA GLU A 125 -5.31 13.81 6.80
C GLU A 125 -6.81 14.10 6.68
N PRO A 126 -7.58 13.13 6.16
CA PRO A 126 -9.04 13.30 6.08
C PRO A 126 -9.68 13.64 7.43
N SER A 127 -10.77 14.41 7.37
CA SER A 127 -11.56 14.76 8.54
C SER A 127 -12.98 15.02 8.11
N LYS A 128 -13.90 15.02 9.09
CA LYS A 128 -15.35 15.15 8.85
C LYS A 128 -15.79 14.09 7.85
N ILE A 129 -15.78 12.85 8.31
CA ILE A 129 -16.20 11.73 7.47
C ILE A 129 -17.35 11.03 8.16
N TRP A 130 -18.39 10.70 7.40
CA TRP A 130 -19.53 9.98 7.94
C TRP A 130 -19.72 8.68 7.17
N VAL A 131 -19.46 7.56 7.84
CA VAL A 131 -19.61 6.24 7.23
C VAL A 131 -20.85 5.62 7.86
N ASP A 132 -21.93 5.56 7.08
CA ASP A 132 -23.27 5.33 7.63
C ASP A 132 -24.13 4.38 6.81
N HIS A 133 -24.75 3.40 7.47
CA HIS A 133 -25.73 2.51 6.81
C HIS A 133 -25.15 1.79 5.59
N ASN A 134 -23.92 1.30 5.73
CA ASN A 134 -23.32 0.46 4.72
C ASN A 134 -23.34 -0.97 5.19
N THR A 135 -23.43 -1.91 4.25
CA THR A 135 -23.32 -3.33 4.54
C THR A 135 -22.06 -3.86 3.90
N VAL A 136 -21.14 -4.37 4.73
CA VAL A 136 -19.82 -4.79 4.28
C VAL A 136 -19.60 -6.24 4.68
N PHE A 137 -19.33 -7.10 3.70
CA PHE A 137 -19.13 -8.53 3.97
C PHE A 137 -18.05 -9.18 3.09
N ALA A 138 -17.48 -10.28 3.57
CA ALA A 138 -16.55 -11.09 2.77
C ALA A 138 -16.73 -12.56 3.10
N SER A 139 -15.66 -13.19 3.58
CA SER A 139 -15.66 -14.59 4.04
C SER A 139 -14.61 -14.75 5.13
N LEU A 140 -14.90 -15.67 6.04
CA LEU A 140 -13.99 -16.03 7.11
C LEU A 140 -13.00 -17.11 6.63
N THR A 141 -13.24 -17.62 5.43
CA THR A 141 -12.37 -18.62 4.80
C THR A 141 -10.91 -18.13 4.67
N LYS A 142 -9.98 -18.96 5.13
CA LYS A 142 -8.56 -18.71 4.99
C LYS A 142 -8.06 -19.49 3.79
N CYS A 143 -7.86 -18.78 2.69
CA CYS A 143 -7.55 -19.40 1.41
C CYS A 143 -6.14 -19.95 1.33
N SER A 144 -6.01 -21.09 0.64
CA SER A 144 -4.72 -21.71 0.41
C SER A 144 -3.78 -20.71 -0.26
N GLY A 145 -2.62 -20.52 0.37
CA GLY A 145 -1.55 -19.66 -0.17
C GLY A 145 -1.68 -18.18 0.14
N ALA A 146 -2.80 -17.78 0.75
CA ALA A 146 -3.12 -16.36 0.89
C ALA A 146 -2.39 -15.65 2.03
N GLY A 147 -1.68 -16.41 2.86
CA GLY A 147 -1.14 -15.88 4.10
C GLY A 147 -2.33 -15.59 5.00
N ASP A 148 -2.30 -14.46 5.71
CA ASP A 148 -3.45 -14.16 6.56
C ASP A 148 -4.48 -13.26 5.85
N ALA A 149 -4.36 -13.15 4.52
CA ALA A 149 -4.96 -12.05 3.77
C ALA A 149 -5.78 -12.50 2.54
N SER A 150 -6.79 -13.33 2.77
CA SER A 150 -7.76 -13.66 1.72
C SER A 150 -8.66 -12.45 1.41
N PHE A 151 -8.83 -11.60 2.40
CA PHE A 151 -9.52 -10.31 2.26
C PHE A 151 -8.85 -9.33 3.20
N ASP A 152 -9.28 -8.07 3.22
CA ASP A 152 -8.65 -7.10 4.11
C ASP A 152 -9.63 -6.33 5.00
N GLY A 153 -9.41 -5.03 5.15
CA GLY A 153 -10.11 -4.23 6.17
C GLY A 153 -11.53 -3.90 5.78
N GLY A 154 -12.39 -3.77 6.79
CA GLY A 154 -13.80 -3.43 6.55
C GLY A 154 -13.98 -1.92 6.52
N ILE A 155 -13.93 -1.30 7.69
CA ILE A 155 -14.03 0.16 7.82
C ILE A 155 -12.79 0.66 8.55
N ASP A 156 -11.81 1.12 7.79
CA ASP A 156 -10.47 1.40 8.29
C ASP A 156 -10.08 2.87 8.26
N MET A 157 -9.33 3.31 9.27
CA MET A 157 -8.64 4.61 9.20
C MET A 157 -7.23 4.53 9.78
N LYS A 158 -6.36 5.41 9.30
CA LYS A 158 -4.97 5.45 9.75
C LYS A 158 -4.31 6.80 9.47
N LYS A 159 -3.17 7.03 10.12
CA LYS A 159 -2.32 8.19 9.95
CA LYS A 159 -2.32 8.19 9.95
C LYS A 159 -3.08 9.53 10.20
N GLY A 160 -4.04 9.52 11.13
CA GLY A 160 -4.49 10.74 11.78
C GLY A 160 -5.69 11.35 11.07
N VAL A 161 -6.42 10.53 10.34
CA VAL A 161 -7.85 10.78 10.11
C VAL A 161 -8.57 11.06 11.41
N HIS A 162 -9.29 12.17 11.45
CA HIS A 162 -9.93 12.64 12.69
C HIS A 162 -11.31 13.20 12.46
N HIS A 163 -12.16 13.10 13.47
CA HIS A 163 -13.53 13.62 13.44
C HIS A 163 -14.42 12.87 12.46
N VAL A 164 -14.76 11.66 12.89
CA VAL A 164 -15.40 10.67 12.05
C VAL A 164 -16.49 10.00 12.84
N THR A 165 -17.65 9.83 12.21
CA THR A 165 -18.69 8.98 12.75
C THR A 165 -18.83 7.76 11.88
N VAL A 166 -18.78 6.59 12.51
CA VAL A 166 -19.02 5.31 11.85
C VAL A 166 -20.30 4.76 12.47
N SER A 167 -21.42 4.85 11.75
CA SER A 167 -22.73 4.59 12.35
C SER A 167 -23.63 3.70 11.52
N TYR A 168 -24.41 2.86 12.20
CA TYR A 168 -25.44 2.04 11.55
C TYR A 168 -24.94 1.16 10.42
N ASN A 169 -23.68 0.76 10.51
CA ASN A 169 -23.13 -0.16 9.54
C ASN A 169 -23.37 -1.61 9.92
N TYR A 170 -23.47 -2.47 8.91
CA TYR A 170 -23.62 -3.90 9.12
C TYR A 170 -22.39 -4.60 8.53
N VAL A 171 -21.56 -5.16 9.40
CA VAL A 171 -20.35 -5.85 8.98
C VAL A 171 -20.36 -7.30 9.42
N TYR A 172 -20.44 -8.21 8.45
CA TYR A 172 -20.58 -9.64 8.74
C TYR A 172 -19.71 -10.50 7.82
N ASN A 173 -19.45 -11.74 8.24
CA ASN A 173 -18.58 -12.67 7.50
C ASN A 173 -17.26 -12.00 7.14
N TYR A 174 -16.59 -11.45 8.14
CA TYR A 174 -15.49 -10.53 7.89
C TYR A 174 -14.45 -10.74 8.96
N GLN A 175 -13.20 -10.93 8.54
CA GLN A 175 -12.11 -11.25 9.46
CA GLN A 175 -12.12 -11.24 9.46
C GLN A 175 -11.64 -10.03 10.24
N LYS A 176 -11.30 -8.96 9.52
CA LYS A 176 -10.71 -7.76 10.12
C LYS A 176 -11.66 -6.58 9.93
N VAL A 177 -12.47 -6.30 10.94
CA VAL A 177 -13.60 -5.38 10.83
C VAL A 177 -13.19 -3.90 10.65
N ALA A 178 -12.43 -3.36 11.61
CA ALA A 178 -12.16 -1.93 11.66
C ALA A 178 -10.81 -1.60 12.26
N LEU A 179 -9.92 -1.10 11.41
CA LEU A 179 -8.61 -0.64 11.85
C LEU A 179 -8.65 0.85 12.13
N ASN A 180 -7.97 1.26 13.20
CA ASN A 180 -7.84 2.67 13.56
C ASN A 180 -6.43 2.94 14.06
N GLY A 181 -5.52 3.22 13.12
CA GLY A 181 -4.10 3.29 13.40
C GLY A 181 -3.42 2.03 12.88
N TYR A 182 -2.53 2.19 11.92
CA TYR A 182 -2.04 1.05 11.13
C TYR A 182 -0.90 0.24 11.77
N SER A 183 -0.15 0.88 12.65
CA SER A 183 0.94 0.22 13.38
C SER A 183 1.26 1.03 14.64
N ASP A 184 2.05 0.45 15.54
CA ASP A 184 2.40 1.12 16.79
C ASP A 184 3.19 2.41 16.53
N SER A 185 3.83 2.49 15.36
CA SER A 185 4.58 3.68 14.96
C SER A 185 3.72 4.76 14.26
N ASP A 186 2.41 4.51 14.13
CA ASP A 186 1.49 5.48 13.52
C ASP A 186 1.16 6.59 14.52
N THR A 187 2.13 7.47 14.76
CA THR A 187 2.02 8.51 15.78
C THR A 187 1.02 9.61 15.45
N LYS A 188 0.73 9.82 14.16
CA LYS A 188 -0.30 10.79 13.74
C LYS A 188 -1.69 10.42 14.25
N ASN A 189 -1.89 9.15 14.57
CA ASN A 189 -3.19 8.69 15.03
C ASN A 189 -3.61 9.16 16.42
N SER A 190 -2.71 9.84 17.13
CA SER A 190 -3.08 10.48 18.40
C SER A 190 -4.20 11.49 18.18
N ALA A 191 -4.28 12.02 16.96
CA ALA A 191 -5.31 12.98 16.55
C ALA A 191 -6.69 12.38 16.32
N ALA A 192 -6.77 11.05 16.16
CA ALA A 192 -8.04 10.42 15.81
C ALA A 192 -9.12 10.64 16.86
N ARG A 193 -10.31 10.99 16.38
CA ARG A 193 -11.48 11.19 17.22
C ARG A 193 -12.62 10.54 16.45
N THR A 194 -13.11 9.40 16.95
CA THR A 194 -14.01 8.54 16.20
C THR A 194 -15.16 8.10 17.07
N THR A 195 -16.37 8.24 16.54
CA THR A 195 -17.55 7.69 17.18
C THR A 195 -18.07 6.50 16.36
N TYR A 196 -18.08 5.32 16.98
CA TYR A 196 -18.68 4.13 16.41
C TYR A 196 -19.98 3.88 17.14
N HIS A 197 -21.11 4.03 16.46
CA HIS A 197 -22.39 3.80 17.11
C HIS A 197 -23.42 3.11 16.24
N HIS A 198 -24.25 2.28 16.88
CA HIS A 198 -25.37 1.57 16.22
C HIS A 198 -24.95 0.61 15.10
N ASN A 199 -23.71 0.16 15.14
CA ASN A 199 -23.21 -0.81 14.17
C ASN A 199 -23.54 -2.26 14.57
N ARG A 200 -23.81 -3.08 13.56
CA ARG A 200 -24.01 -4.52 13.75
C ARG A 200 -22.73 -5.23 13.33
N PHE A 201 -22.11 -5.91 14.30
CA PHE A 201 -20.89 -6.69 14.04
C PHE A 201 -21.22 -8.16 14.28
N GLU A 202 -21.42 -8.93 13.21
CA GLU A 202 -21.84 -10.33 13.37
C GLU A 202 -21.04 -11.33 12.53
N ASN A 203 -20.61 -12.42 13.16
N ASN A 203 -20.63 -12.43 13.14
CA ASN A 203 -19.81 -13.45 12.49
CA ASN A 203 -19.81 -13.46 12.49
C ASN A 203 -18.53 -12.85 11.93
C ASN A 203 -18.53 -12.84 11.93
N VAL A 204 -17.71 -12.33 12.84
CA VAL A 204 -16.48 -11.64 12.50
C VAL A 204 -15.40 -12.14 13.44
N GLU A 205 -14.15 -11.90 13.09
N GLU A 205 -14.14 -11.91 13.09
CA GLU A 205 -13.02 -12.45 13.83
CA GLU A 205 -13.04 -12.47 13.87
C GLU A 205 -12.46 -11.47 14.86
C GLU A 205 -12.42 -11.48 14.87
N SER A 206 -12.02 -10.30 14.39
CA SER A 206 -11.32 -9.31 15.24
C SER A 206 -11.31 -7.89 14.68
N ARG A 207 -10.68 -6.98 15.43
CA ARG A 207 -10.59 -5.57 15.11
C ARG A 207 -11.98 -4.93 15.11
N VAL A 208 -12.62 -4.92 16.27
CA VAL A 208 -13.98 -4.42 16.38
C VAL A 208 -14.11 -3.45 17.54
N PRO A 209 -13.40 -2.33 17.46
CA PRO A 209 -12.35 -2.17 16.45
C PRO A 209 -10.97 -2.44 17.03
N LEU A 210 -9.93 -2.29 16.21
CA LEU A 210 -8.57 -2.23 16.69
C LEU A 210 -8.22 -0.75 16.76
N GLN A 211 -8.08 -0.22 17.96
CA GLN A 211 -7.76 1.19 18.15
C GLN A 211 -6.32 1.40 18.64
N ARG A 212 -5.54 2.14 17.87
CA ARG A 212 -4.22 2.58 18.30
C ARG A 212 -4.20 4.09 18.48
N ARG A 213 -3.99 4.54 19.72
CA ARG A 213 -3.92 5.97 20.07
C ARG A 213 -5.28 6.66 19.88
N GLY A 214 -5.29 7.98 20.05
CA GLY A 214 -6.50 8.79 19.90
C GLY A 214 -7.61 8.49 20.89
N LEU A 215 -8.77 9.10 20.66
CA LEU A 215 -9.93 8.89 21.51
C LEU A 215 -11.10 8.35 20.68
N SER A 216 -11.87 7.45 21.30
CA SER A 216 -13.06 6.93 20.66
C SER A 216 -14.26 6.83 21.59
N HIS A 217 -15.45 6.86 21.01
CA HIS A 217 -16.69 6.67 21.71
C HIS A 217 -17.40 5.55 20.98
N ILE A 218 -17.53 4.41 21.67
CA ILE A 218 -18.07 3.20 21.07
C ILE A 218 -19.34 2.88 21.84
N TYR A 219 -20.49 3.22 21.26
CA TYR A 219 -21.75 3.11 21.99
C TYR A 219 -22.87 2.55 21.14
N ASN A 220 -23.81 1.87 21.80
CA ASN A 220 -24.99 1.28 21.15
C ASN A 220 -24.68 0.34 19.98
N ASN A 221 -23.52 -0.30 20.00
CA ASN A 221 -23.20 -1.33 19.01
C ASN A 221 -23.63 -2.72 19.48
N TYR A 222 -24.03 -3.55 18.52
CA TYR A 222 -24.40 -4.94 18.79
C TYR A 222 -23.30 -5.86 18.26
N PHE A 223 -22.76 -6.69 19.15
CA PHE A 223 -21.70 -7.66 18.84
C PHE A 223 -22.26 -9.06 19.04
N ASN A 224 -22.12 -9.91 18.03
CA ASN A 224 -22.50 -11.33 18.12
C ASN A 224 -21.61 -12.20 17.26
N ASN A 225 -21.18 -13.32 17.83
CA ASN A 225 -20.28 -14.26 17.15
C ASN A 225 -18.98 -13.60 16.67
N VAL A 226 -18.28 -13.00 17.61
CA VAL A 226 -16.96 -12.43 17.36
C VAL A 226 -15.88 -13.29 18.01
N THR A 227 -15.10 -13.96 17.18
CA THR A 227 -14.43 -15.22 17.56
C THR A 227 -13.00 -15.11 18.11
N THR A 228 -12.32 -13.98 17.88
CA THR A 228 -10.97 -13.81 18.42
C THR A 228 -10.91 -12.69 19.44
N SER A 229 -11.27 -11.48 19.03
CA SER A 229 -11.36 -10.36 19.97
C SER A 229 -12.28 -9.26 19.44
N GLY A 230 -12.76 -8.42 20.35
CA GLY A 230 -13.66 -7.34 20.02
C GLY A 230 -12.96 -6.00 19.97
N ILE A 231 -13.33 -5.14 20.91
CA ILE A 231 -12.71 -3.82 21.05
C ILE A 231 -11.30 -3.97 21.60
N ASN A 232 -10.32 -3.61 20.79
CA ASN A 232 -8.92 -3.76 21.17
C ASN A 232 -8.23 -2.42 21.21
N VAL A 233 -8.07 -1.87 22.41
CA VAL A 233 -7.59 -0.51 22.60
C VAL A 233 -6.11 -0.54 22.98
N ARG A 234 -5.28 0.12 22.17
CA ARG A 234 -3.83 -0.06 22.22
C ARG A 234 -3.09 1.27 22.16
N MET A 235 -1.80 1.23 22.52
CA MET A 235 -0.89 2.38 22.38
C MET A 235 -1.36 3.67 23.04
N GLY A 236 -1.93 3.55 24.23
CA GLY A 236 -2.37 4.72 24.97
C GLY A 236 -3.71 5.30 24.54
N GLY A 237 -4.33 4.73 23.51
CA GLY A 237 -5.68 5.12 23.13
C GLY A 237 -6.66 4.93 24.27
N ILE A 238 -7.70 5.74 24.32
CA ILE A 238 -8.76 5.59 25.31
C ILE A 238 -10.11 5.50 24.60
N ALA A 239 -10.88 4.47 24.92
CA ALA A 239 -12.24 4.29 24.42
C ALA A 239 -13.30 4.44 25.51
N LYS A 240 -14.30 5.27 25.23
CA LYS A 240 -15.49 5.35 26.05
C LYS A 240 -16.51 4.35 25.50
N ILE A 241 -16.70 3.26 26.23
CA ILE A 241 -17.49 2.13 25.78
C ILE A 241 -18.82 2.10 26.55
N GLU A 242 -19.89 2.51 25.87
CA GLU A 242 -21.15 2.84 26.53
C GLU A 242 -22.33 2.12 25.91
N SER A 243 -23.16 1.49 26.75
CA SER A 243 -24.44 0.89 26.31
C SER A 243 -24.42 0.07 25.02
N ASN A 244 -23.36 -0.72 24.85
CA ASN A 244 -23.32 -1.73 23.78
C ASN A 244 -24.03 -3.01 24.24
N TYR A 245 -24.38 -3.86 23.27
CA TYR A 245 -24.93 -5.19 23.54
C TYR A 245 -23.91 -6.23 23.06
N PHE A 246 -23.32 -6.97 24.02
CA PHE A 246 -22.33 -8.02 23.74
C PHE A 246 -22.92 -9.43 23.95
N GLU A 247 -22.74 -10.33 22.98
CA GLU A 247 -23.05 -11.75 23.19
C GLU A 247 -22.23 -12.62 22.24
N ASN A 248 -21.89 -13.82 22.70
CA ASN A 248 -21.11 -14.78 21.90
C ASN A 248 -19.86 -14.15 21.31
N ILE A 249 -19.01 -13.64 22.20
CA ILE A 249 -17.83 -12.89 21.81
C ILE A 249 -16.67 -13.26 22.72
N LYS A 250 -15.51 -13.49 22.09
CA LYS A 250 -14.30 -13.71 22.84
C LYS A 250 -13.55 -12.40 22.95
N ASN A 251 -12.99 -12.13 24.14
CA ASN A 251 -12.23 -10.91 24.40
C ASN A 251 -12.95 -9.62 23.94
N PRO A 252 -14.17 -9.39 24.46
CA PRO A 252 -14.97 -8.23 24.02
C PRO A 252 -14.27 -6.89 24.20
N VAL A 253 -13.59 -6.72 25.34
CA VAL A 253 -12.87 -5.48 25.62
C VAL A 253 -11.48 -5.86 26.13
N THR A 254 -10.47 -5.56 25.31
CA THR A 254 -9.11 -6.00 25.59
C THR A 254 -8.08 -4.96 25.14
N SER A 255 -6.83 -5.15 25.57
CA SER A 255 -5.68 -4.49 25.00
C SER A 255 -4.59 -5.53 24.82
N ARG A 256 -4.18 -5.76 23.57
CA ARG A 256 -3.22 -6.82 23.29
C ARG A 256 -2.46 -6.55 22.01
N ASP A 257 -1.24 -7.09 21.96
CA ASP A 257 -0.41 -7.13 20.76
C ASP A 257 0.31 -5.83 20.37
N SER A 258 0.18 -4.81 21.22
CA SER A 258 0.97 -3.60 21.06
C SER A 258 2.03 -3.51 22.15
N SER A 259 3.05 -2.70 21.90
CA SER A 259 4.10 -2.44 22.88
C SER A 259 3.58 -1.73 24.14
N GLU A 260 2.42 -1.08 24.01
CA GLU A 260 1.79 -0.42 25.16
C GLU A 260 0.28 -0.57 25.14
N ILE A 261 -0.32 -0.69 26.32
CA ILE A 261 -1.74 -0.91 26.44
C ILE A 261 -2.55 0.38 26.22
N GLY A 262 -3.84 0.20 25.92
CA GLY A 262 -4.80 1.28 25.80
C GLY A 262 -5.82 1.08 26.90
N TYR A 263 -6.75 2.02 27.02
CA TYR A 263 -7.63 2.10 28.19
C TYR A 263 -9.10 2.27 27.84
N TRP A 264 -9.97 1.94 28.79
CA TRP A 264 -11.40 2.06 28.58
C TRP A 264 -12.16 2.70 29.74
N ASP A 265 -13.23 3.41 29.38
CA ASP A 265 -14.20 3.93 30.31
C ASP A 265 -15.50 3.20 29.97
N LEU A 266 -15.88 2.28 30.86
CA LEU A 266 -17.01 1.40 30.62
C LEU A 266 -18.23 1.87 31.38
N ILE A 267 -19.39 1.94 30.71
CA ILE A 267 -20.65 2.20 31.40
C ILE A 267 -21.86 1.60 30.68
N ASN A 268 -22.74 0.98 31.47
CA ASN A 268 -24.07 0.56 31.03
C ASN A 268 -24.11 -0.45 29.89
N ASN A 269 -23.03 -1.20 29.70
CA ASN A 269 -22.99 -2.24 28.68
C ASN A 269 -23.83 -3.44 29.05
N TYR A 270 -24.65 -3.92 28.11
CA TYR A 270 -25.38 -5.16 28.28
C TYR A 270 -24.48 -6.34 27.93
N VAL A 271 -24.17 -7.15 28.94
CA VAL A 271 -23.29 -8.31 28.77
C VAL A 271 -24.13 -9.59 28.77
N GLY A 272 -24.39 -10.11 27.58
CA GLY A 272 -25.27 -11.28 27.43
C GLY A 272 -24.53 -12.57 27.69
N SER A 273 -25.04 -13.66 27.12
CA SER A 273 -24.39 -14.96 27.26
C SER A 273 -23.31 -15.18 26.21
N GLY A 274 -22.44 -16.15 26.49
CA GLY A 274 -21.42 -16.56 25.53
C GLY A 274 -20.17 -15.70 25.46
N ILE A 275 -19.86 -15.01 26.56
CA ILE A 275 -18.60 -14.28 26.66
C ILE A 275 -17.50 -15.24 27.06
N THR A 276 -16.45 -15.29 26.23
CA THR A 276 -15.25 -16.04 26.57
C THR A 276 -14.05 -15.10 26.59
N TRP A 277 -12.99 -15.51 27.29
CA TRP A 277 -11.77 -14.75 27.37
C TRP A 277 -10.59 -15.66 27.09
N GLY A 278 -9.50 -15.07 26.59
CA GLY A 278 -8.28 -15.82 26.31
C GLY A 278 -7.03 -14.97 26.52
N THR A 279 -5.89 -15.63 26.61
CA THR A 279 -4.60 -14.99 26.83
C THR A 279 -3.81 -14.98 25.51
N PRO A 280 -3.27 -13.80 25.13
CA PRO A 280 -2.54 -13.77 23.85
C PRO A 280 -1.17 -14.44 23.99
N ASP A 281 -0.69 -15.01 22.88
CA ASP A 281 0.68 -15.52 22.80
C ASP A 281 1.65 -14.34 22.74
N GLY A 282 2.89 -14.58 23.13
CA GLY A 282 3.90 -13.52 23.14
C GLY A 282 4.07 -12.89 24.50
N SER A 283 4.98 -11.92 24.58
CA SER A 283 5.40 -11.35 25.86
C SER A 283 4.94 -9.90 26.04
N LYS A 284 4.35 -9.32 25.00
CA LYS A 284 3.77 -7.99 25.08
C LYS A 284 2.70 -7.92 26.17
N PRO A 285 2.61 -6.79 26.88
CA PRO A 285 1.59 -6.67 27.94
C PRO A 285 0.18 -6.75 27.36
N TYR A 286 -0.76 -7.19 28.17
CA TYR A 286 -2.17 -7.23 27.78
C TYR A 286 -3.10 -6.98 28.96
N ALA A 287 -4.37 -6.70 28.64
CA ALA A 287 -5.41 -6.57 29.63
C ALA A 287 -6.72 -7.04 29.05
N ASN A 288 -7.44 -7.85 29.83
CA ASN A 288 -8.80 -8.28 29.52
C ASN A 288 -9.77 -7.64 30.52
N ALA A 289 -10.81 -6.99 30.02
CA ALA A 289 -11.84 -6.40 30.89
C ALA A 289 -12.80 -7.45 31.45
N THR A 290 -12.23 -8.47 32.09
CA THR A 290 -12.97 -9.63 32.62
C THR A 290 -14.12 -9.26 33.55
N ASN A 291 -13.92 -8.21 34.34
CA ASN A 291 -14.93 -7.76 35.29
C ASN A 291 -15.65 -6.47 34.88
N TRP A 292 -15.36 -6.00 33.66
CA TRP A 292 -16.00 -4.81 33.10
C TRP A 292 -15.71 -3.56 33.93
N ILE A 293 -14.45 -3.43 34.32
CA ILE A 293 -14.01 -2.33 35.17
C ILE A 293 -13.18 -1.35 34.35
N SER A 294 -13.59 -0.08 34.38
CA SER A 294 -12.88 0.97 33.64
C SER A 294 -11.43 1.04 34.09
N THR A 295 -10.53 1.34 33.15
CA THR A 295 -9.12 1.46 33.45
C THR A 295 -8.64 2.90 33.31
N LYS A 296 -9.48 3.75 32.71
CA LYS A 296 -9.27 5.20 32.68
C LYS A 296 -10.58 5.93 32.48
N VAL A 297 -10.65 7.13 33.03
CA VAL A 297 -11.76 8.02 32.76
C VAL A 297 -11.51 8.74 31.42
N PHE A 298 -12.54 8.81 30.58
CA PHE A 298 -12.43 9.54 29.31
C PHE A 298 -11.98 10.97 29.59
N PRO A 299 -10.81 11.37 29.04
CA PRO A 299 -10.06 12.52 29.56
C PRO A 299 -10.54 13.91 29.13
N GLU A 300 -11.64 13.98 28.39
CA GLU A 300 -12.18 15.28 27.97
C GLU A 300 -13.65 15.22 27.56
N SER A 301 -14.25 16.38 27.36
CA SER A 301 -15.60 16.44 26.87
C SER A 301 -15.66 15.91 25.44
N LEU A 302 -16.73 15.18 25.13
CA LEU A 302 -16.95 14.69 23.77
C LEU A 302 -17.40 15.82 22.84
N GLY A 303 -17.88 16.91 23.44
CA GLY A 303 -18.16 18.14 22.70
C GLY A 303 -19.30 17.95 21.71
N TYR A 304 -20.09 16.91 21.92
CA TYR A 304 -21.32 16.71 21.13
C TYR A 304 -22.43 16.06 21.95
N ILE A 305 -23.64 16.29 21.47
CA ILE A 305 -24.85 15.74 22.06
C ILE A 305 -25.16 14.42 21.37
N TYR A 306 -25.52 13.41 22.16
CA TYR A 306 -25.95 12.12 21.60
C TYR A 306 -27.05 11.51 22.44
N THR A 307 -27.89 10.68 21.83
CA THR A 307 -28.95 10.02 22.58
C THR A 307 -28.72 8.52 22.59
N VAL A 308 -28.79 7.95 23.79
CA VAL A 308 -28.47 6.56 24.02
C VAL A 308 -29.72 5.68 23.94
N THR A 309 -29.66 4.64 23.11
CA THR A 309 -30.64 3.56 23.14
C THR A 309 -30.31 2.75 24.40
N PRO A 310 -31.34 2.45 25.23
CA PRO A 310 -31.11 1.57 26.38
C PRO A 310 -30.38 0.30 25.93
N ALA A 311 -29.32 -0.06 26.65
CA ALA A 311 -28.42 -1.15 26.24
C ALA A 311 -29.12 -2.47 25.92
N ALA A 312 -30.13 -2.85 26.70
CA ALA A 312 -30.87 -4.09 26.46
C ALA A 312 -31.70 -4.04 25.16
N GLN A 313 -32.04 -2.85 24.70
CA GLN A 313 -32.80 -2.69 23.46
C GLN A 313 -31.91 -2.63 22.21
N VAL A 314 -30.60 -2.62 22.41
CA VAL A 314 -29.63 -2.40 21.32
C VAL A 314 -29.62 -3.50 20.27
N LYS A 315 -29.57 -4.75 20.72
CA LYS A 315 -29.66 -5.89 19.80
C LYS A 315 -30.80 -5.69 18.78
N ALA A 316 -32.02 -5.50 19.29
CA ALA A 316 -33.20 -5.40 18.44
C ALA A 316 -33.17 -4.13 17.59
N LYS A 317 -32.75 -3.02 18.20
CA LYS A 317 -32.67 -1.74 17.50
C LYS A 317 -31.66 -1.83 16.34
N VAL A 318 -30.48 -2.34 16.62
CA VAL A 318 -29.43 -2.46 15.59
C VAL A 318 -29.80 -3.41 14.46
N ILE A 319 -30.31 -4.59 14.80
CA ILE A 319 -30.88 -5.51 13.80
C ILE A 319 -31.94 -4.81 12.93
N ALA A 320 -32.78 -3.97 13.53
CA ALA A 320 -33.81 -3.25 12.78
C ALA A 320 -33.28 -2.15 11.85
N THR A 321 -32.16 -1.52 12.21
CA THR A 321 -31.73 -0.28 11.55
C THR A 321 -30.37 -0.32 10.84
N ALA A 322 -29.46 -1.20 11.26
CA ALA A 322 -28.11 -1.22 10.71
C ALA A 322 -28.03 -1.71 9.28
N GLY A 323 -27.15 -1.09 8.50
CA GLY A 323 -26.85 -1.55 7.14
C GLY A 323 -27.54 -0.80 6.02
N ALA A 324 -27.23 -1.21 4.80
CA ALA A 324 -27.81 -0.64 3.59
C ALA A 324 -29.23 -1.17 3.35
N GLY A 325 -30.02 -0.43 2.57
CA GLY A 325 -31.39 -0.85 2.23
C GLY A 325 -32.39 -0.79 3.38
N LYS A 326 -32.09 0.05 4.38
CA LYS A 326 -32.95 0.23 5.56
C LYS A 326 -33.65 1.59 5.59
N ASN A 327 -33.66 2.28 4.45
CA ASN A 327 -34.10 3.69 4.38
C ASN A 327 -33.36 4.59 5.37
N LEU A 328 -32.12 4.23 5.71
CA LEU A 328 -31.31 4.99 6.66
C LEU A 328 -31.96 5.13 8.04
N ALA A 329 -32.69 4.10 8.47
CA ALA A 329 -33.42 4.16 9.74
C ALA A 329 -32.49 4.30 10.94
N GLU A 330 -32.91 5.08 11.93
CA GLU A 330 -32.09 5.32 13.11
C GLU A 330 -32.76 4.82 14.37
N GLY B 1 22.33 -13.79 -20.71
CA GLY B 1 21.25 -13.93 -19.67
C GLY B 1 21.59 -13.11 -18.43
N PRO B 2 20.88 -13.35 -17.31
CA PRO B 2 21.12 -12.62 -16.07
C PRO B 2 22.46 -12.90 -15.42
N VAL B 3 23.12 -11.84 -14.96
CA VAL B 3 24.37 -11.96 -14.22
C VAL B 3 24.15 -11.44 -12.80
N GLY B 4 24.66 -12.14 -11.80
CA GLY B 4 24.56 -11.69 -10.42
C GLY B 4 23.62 -12.51 -9.56
N TYR B 5 23.05 -11.90 -8.53
CA TYR B 5 22.18 -12.62 -7.60
C TYR B 5 20.90 -13.21 -8.23
N GLY B 6 20.46 -12.63 -9.35
CA GLY B 6 19.30 -13.15 -10.07
C GLY B 6 19.65 -14.08 -11.22
N ALA B 7 20.88 -14.61 -11.21
CA ALA B 7 21.41 -15.42 -12.32
C ALA B 7 20.60 -16.69 -12.67
N ALA B 8 19.86 -17.24 -11.71
CA ALA B 8 19.08 -18.45 -11.98
C ALA B 8 17.73 -18.16 -12.66
N THR B 9 17.40 -16.89 -12.85
CA THR B 9 16.09 -16.48 -13.40
C THR B 9 15.91 -16.87 -14.88
N THR B 10 14.84 -17.59 -15.17
CA THR B 10 14.50 -17.95 -16.55
C THR B 10 13.13 -17.41 -16.94
N GLY B 11 12.41 -16.86 -15.97
CA GLY B 11 11.07 -16.33 -16.23
C GLY B 11 10.17 -17.37 -16.88
N GLY B 12 9.49 -16.97 -17.95
CA GLY B 12 8.59 -17.87 -18.68
C GLY B 12 9.30 -18.86 -19.59
N GLY B 13 10.64 -18.77 -19.63
CA GLY B 13 11.47 -19.65 -20.44
C GLY B 13 11.09 -19.63 -21.92
N ASN B 14 11.05 -20.82 -22.52
CA ASN B 14 10.86 -20.95 -23.97
C ASN B 14 9.43 -21.20 -24.43
N LYS B 15 8.46 -20.86 -23.59
N LYS B 15 8.45 -20.89 -23.59
CA LYS B 15 7.05 -20.96 -23.96
CA LYS B 15 7.06 -21.02 -24.00
C LYS B 15 6.72 -20.01 -25.10
C LYS B 15 6.72 -20.02 -25.10
N VAL B 16 5.72 -20.35 -25.90
CA VAL B 16 5.28 -19.51 -27.02
C VAL B 16 4.82 -18.15 -26.50
N PRO B 17 5.48 -17.07 -26.93
CA PRO B 17 5.02 -15.76 -26.49
C PRO B 17 3.64 -15.44 -27.05
N VAL B 18 2.89 -14.66 -26.29
N VAL B 18 2.86 -14.70 -26.28
CA VAL B 18 1.62 -14.11 -26.76
CA VAL B 18 1.63 -14.09 -26.79
C VAL B 18 1.66 -12.60 -26.59
C VAL B 18 1.71 -12.58 -26.63
N ASN B 19 1.16 -11.87 -27.58
CA ASN B 19 1.12 -10.41 -27.52
C ASN B 19 -0.01 -9.94 -26.61
N VAL B 20 0.31 -8.95 -25.78
CA VAL B 20 -0.70 -8.22 -25.02
C VAL B 20 -0.50 -6.73 -25.32
N ALA B 21 -1.52 -6.09 -25.86
CA ALA B 21 -1.41 -4.70 -26.36
C ALA B 21 -1.74 -3.64 -25.32
N THR B 22 -2.37 -4.06 -24.23
CA THR B 22 -2.86 -3.12 -23.23
C THR B 22 -2.61 -3.61 -21.81
N PHE B 23 -2.74 -2.65 -20.89
CA PHE B 23 -2.79 -2.89 -19.46
C PHE B 23 -3.76 -4.03 -19.11
N GLU B 24 -4.98 -3.92 -19.62
N GLU B 24 -4.99 -3.92 -19.62
CA GLU B 24 -6.04 -4.91 -19.37
CA GLU B 24 -6.05 -4.90 -19.37
C GLU B 24 -5.70 -6.31 -19.89
C GLU B 24 -5.72 -6.30 -19.90
N ALA B 25 -5.21 -6.37 -21.13
CA ALA B 25 -4.78 -7.63 -21.74
C ALA B 25 -3.66 -8.34 -20.95
N MET B 26 -2.70 -7.56 -20.46
CA MET B 26 -1.60 -8.12 -19.67
C MET B 26 -2.13 -8.73 -18.38
N GLN B 27 -2.93 -7.98 -17.64
CA GLN B 27 -3.49 -8.47 -16.37
C GLN B 27 -4.35 -9.70 -16.59
N SER B 28 -5.23 -9.62 -17.59
CA SER B 28 -6.10 -10.74 -17.92
C SER B 28 -5.34 -12.04 -18.24
N ALA B 29 -4.21 -11.91 -18.93
CA ALA B 29 -3.37 -13.07 -19.24
C ALA B 29 -2.72 -13.62 -17.97
N ILE B 30 -2.21 -12.73 -17.12
CA ILE B 30 -1.75 -13.11 -15.78
C ILE B 30 -2.86 -13.78 -14.93
N ASP B 31 -4.06 -13.20 -14.93
CA ASP B 31 -5.19 -13.79 -14.19
C ASP B 31 -5.56 -15.21 -14.66
N SER B 32 -5.49 -15.45 -15.97
CA SER B 32 -5.87 -16.76 -16.53
C SER B 32 -4.78 -17.82 -16.33
N TYR B 33 -3.54 -17.38 -16.17
CA TYR B 33 -2.39 -18.26 -15.96
C TYR B 33 -2.53 -19.06 -14.68
N SER B 34 -2.20 -20.34 -14.73
CA SER B 34 -2.34 -21.22 -13.57
C SER B 34 -1.35 -20.92 -12.44
N GLY B 35 -0.23 -20.26 -12.77
CA GLY B 35 0.73 -19.87 -11.74
C GLY B 35 2.08 -20.55 -11.80
N SER B 36 2.23 -21.54 -12.67
N SER B 36 2.22 -21.56 -12.65
CA SER B 36 3.52 -22.21 -12.87
CA SER B 36 3.49 -22.26 -12.85
C SER B 36 3.60 -22.94 -14.20
C SER B 36 3.60 -22.83 -14.26
N GLY B 37 4.82 -23.17 -14.66
CA GLY B 37 5.05 -23.85 -15.94
C GLY B 37 5.56 -22.94 -17.04
N GLY B 38 5.21 -21.66 -16.97
CA GLY B 38 5.69 -20.68 -17.95
C GLY B 38 4.63 -19.82 -18.58
N LEU B 39 4.84 -18.51 -18.50
CA LEU B 39 4.01 -17.53 -19.21
C LEU B 39 4.92 -16.49 -19.82
N VAL B 40 4.78 -16.24 -21.11
CA VAL B 40 5.59 -15.24 -21.80
C VAL B 40 4.70 -14.22 -22.52
N LEU B 41 4.78 -12.98 -22.03
CA LEU B 41 3.93 -11.91 -22.51
C LEU B 41 4.79 -10.85 -23.20
N ASN B 42 4.53 -10.66 -24.49
CA ASN B 42 5.19 -9.63 -25.27
C ASN B 42 4.26 -8.41 -25.32
N TYR B 43 4.65 -7.34 -24.62
CA TYR B 43 3.84 -6.14 -24.55
C TYR B 43 4.03 -5.27 -25.80
N THR B 44 2.94 -5.03 -26.53
CA THR B 44 3.02 -4.31 -27.83
C THR B 44 2.34 -2.93 -27.84
N GLY B 45 1.79 -2.52 -26.71
CA GLY B 45 1.14 -1.21 -26.62
C GLY B 45 2.15 -0.09 -26.80
N LYS B 46 1.69 1.03 -27.35
CA LYS B 46 2.55 2.18 -27.61
CA LYS B 46 2.57 2.18 -27.57
C LYS B 46 1.96 3.46 -27.02
N PHE B 47 2.05 3.62 -25.70
CA PHE B 47 1.53 4.81 -25.05
C PHE B 47 2.20 6.09 -25.57
N ASP B 48 1.39 7.10 -25.86
CA ASP B 48 1.87 8.40 -26.33
C ASP B 48 2.02 9.33 -25.13
N PHE B 49 3.26 9.52 -24.67
CA PHE B 49 3.52 10.32 -23.47
C PHE B 49 3.13 11.80 -23.68
N GLY B 50 3.12 12.22 -24.96
CA GLY B 50 2.69 13.58 -25.33
C GLY B 50 1.27 13.91 -24.92
N THR B 51 0.46 12.86 -24.70
CA THR B 51 -0.94 13.00 -24.24
C THR B 51 -1.05 13.48 -22.80
N ILE B 52 0.03 13.32 -22.03
CA ILE B 52 0.08 13.88 -20.68
C ILE B 52 0.58 15.32 -20.81
N LYS B 53 -0.34 16.26 -20.87
CA LYS B 53 -0.01 17.66 -21.12
C LYS B 53 0.50 18.34 -19.86
N ASP B 54 0.02 17.88 -18.70
CA ASP B 54 0.44 18.44 -17.42
C ASP B 54 0.80 17.34 -16.44
N VAL B 55 2.07 17.30 -16.06
CA VAL B 55 2.59 16.21 -15.23
C VAL B 55 1.78 16.08 -13.94
N CYS B 56 1.32 17.20 -13.42
CA CYS B 56 0.79 17.26 -12.06
C CYS B 56 -0.66 16.79 -12.01
N ALA B 57 -1.18 16.35 -13.15
CA ALA B 57 -2.48 15.70 -13.21
C ALA B 57 -2.41 14.27 -12.68
N GLN B 58 -1.20 13.69 -12.70
CA GLN B 58 -1.03 12.26 -12.48
C GLN B 58 -1.27 11.82 -11.04
N TRP B 59 -0.74 12.57 -10.08
CA TRP B 59 -0.77 12.15 -8.67
C TRP B 59 -2.18 11.96 -8.09
N LYS B 60 -3.15 12.75 -8.56
CA LYS B 60 -4.53 12.65 -8.07
C LYS B 60 -5.36 11.52 -8.70
N LEU B 61 -4.83 10.93 -9.77
CA LEU B 61 -5.50 9.84 -10.46
C LEU B 61 -5.11 8.49 -9.84
N PRO B 62 -6.00 7.48 -9.93
CA PRO B 62 -5.67 6.19 -9.35
C PRO B 62 -4.58 5.47 -10.15
N ALA B 63 -3.78 4.68 -9.45
CA ALA B 63 -2.66 3.96 -10.08
C ALA B 63 -3.21 2.92 -11.07
N LYS B 64 -2.44 2.71 -12.14
CA LYS B 64 -2.66 1.61 -13.08
C LYS B 64 -1.46 0.68 -12.95
N THR B 65 -1.65 -0.46 -12.29
CA THR B 65 -0.56 -1.36 -11.96
C THR B 65 -0.93 -2.81 -12.27
N VAL B 66 -0.12 -3.45 -13.11
CA VAL B 66 -0.24 -4.88 -13.36
C VAL B 66 0.31 -5.65 -12.16
N GLN B 67 -0.38 -6.71 -11.75
CA GLN B 67 0.17 -7.47 -10.60
CA GLN B 67 0.14 -7.48 -10.59
C GLN B 67 0.33 -8.92 -10.92
N ILE B 68 1.56 -9.34 -10.67
CA ILE B 68 1.89 -10.75 -10.57
C ILE B 68 1.92 -11.22 -9.12
N LYS B 69 0.84 -11.89 -8.69
CA LYS B 69 0.66 -12.23 -7.29
C LYS B 69 0.64 -13.73 -7.09
N ASN B 70 1.57 -14.23 -6.29
CA ASN B 70 1.69 -15.67 -6.02
C ASN B 70 1.61 -16.53 -7.29
N LYS B 71 2.27 -16.05 -8.36
CA LYS B 71 2.41 -16.81 -9.60
C LYS B 71 3.87 -16.74 -10.02
N SER B 72 4.36 -17.80 -10.64
CA SER B 72 5.78 -17.96 -10.93
C SER B 72 6.04 -18.22 -12.41
N ASP B 73 7.32 -18.14 -12.81
CA ASP B 73 7.77 -18.44 -14.18
C ASP B 73 7.12 -17.55 -15.23
N VAL B 74 7.33 -16.25 -15.09
CA VAL B 74 6.70 -15.26 -15.95
C VAL B 74 7.73 -14.32 -16.57
N THR B 75 7.63 -14.13 -17.89
CA THR B 75 8.41 -13.13 -18.59
C THR B 75 7.47 -12.08 -19.10
N ILE B 76 7.70 -10.84 -18.67
CA ILE B 76 7.07 -9.67 -19.27
C ILE B 76 8.14 -8.93 -20.06
N LYS B 77 8.01 -8.92 -21.37
CA LYS B 77 8.95 -8.21 -22.22
C LYS B 77 8.25 -7.23 -23.13
N GLY B 78 8.73 -5.98 -23.13
CA GLY B 78 8.20 -4.98 -24.05
C GLY B 78 8.78 -5.24 -25.44
N ALA B 79 7.94 -5.13 -26.48
CA ALA B 79 8.45 -5.15 -27.85
C ALA B 79 9.22 -3.84 -28.07
N ASN B 80 10.14 -3.85 -29.05
N ASN B 80 10.11 -3.85 -29.07
CA ASN B 80 10.89 -2.63 -29.37
CA ASN B 80 10.83 -2.64 -29.44
C ASN B 80 9.94 -1.53 -29.84
C ASN B 80 9.83 -1.54 -29.78
N GLY B 81 10.05 -0.36 -29.22
CA GLY B 81 9.17 0.77 -29.48
C GLY B 81 7.94 0.80 -28.59
N SER B 82 7.74 -0.25 -27.79
CA SER B 82 6.58 -0.27 -26.89
C SER B 82 6.77 0.72 -25.74
N ALA B 83 5.66 1.19 -25.18
CA ALA B 83 5.69 2.08 -24.02
C ALA B 83 4.44 1.88 -23.20
N ALA B 84 4.58 1.99 -21.89
CA ALA B 84 3.49 1.76 -20.96
C ALA B 84 3.31 2.96 -20.04
N ASN B 85 2.05 3.33 -19.82
CA ASN B 85 1.68 4.26 -18.75
C ASN B 85 1.02 3.49 -17.61
N PHE B 86 1.57 2.31 -17.33
CA PHE B 86 1.20 1.48 -16.17
C PHE B 86 2.46 0.81 -15.60
N GLY B 87 2.39 0.44 -14.32
CA GLY B 87 3.51 -0.19 -13.65
C GLY B 87 3.25 -1.66 -13.37
N ILE B 88 4.20 -2.31 -12.71
CA ILE B 88 4.15 -3.74 -12.46
C ILE B 88 4.56 -4.02 -11.00
N ARG B 89 3.83 -4.92 -10.37
CA ARG B 89 4.16 -5.42 -9.04
C ARG B 89 4.30 -6.92 -9.10
N VAL B 90 5.35 -7.44 -8.46
CA VAL B 90 5.43 -8.86 -8.16
C VAL B 90 5.38 -9.12 -6.66
N VAL B 91 4.33 -9.78 -6.21
CA VAL B 91 3.97 -9.80 -4.79
C VAL B 91 3.76 -11.22 -4.22
N GLY B 92 4.28 -11.44 -3.04
CA GLY B 92 4.07 -12.69 -2.31
C GLY B 92 4.91 -13.85 -2.78
N ASN B 93 4.32 -15.05 -2.72
CA ASN B 93 4.97 -16.28 -3.13
C ASN B 93 5.06 -16.34 -4.65
N ALA B 94 5.85 -15.42 -5.23
CA ALA B 94 6.01 -15.29 -6.67
C ALA B 94 7.49 -15.34 -7.01
N HIS B 95 7.86 -16.26 -7.89
CA HIS B 95 9.28 -16.51 -8.17
C HIS B 95 9.57 -16.65 -9.65
N ASN B 96 10.82 -16.34 -10.01
CA ASN B 96 11.31 -16.60 -11.36
C ASN B 96 10.55 -15.74 -12.35
N VAL B 97 10.83 -14.44 -12.30
CA VAL B 97 10.11 -13.46 -13.10
C VAL B 97 11.11 -12.55 -13.82
N ILE B 98 10.87 -12.35 -15.12
CA ILE B 98 11.65 -11.41 -15.90
C ILE B 98 10.73 -10.24 -16.33
N ILE B 99 11.24 -9.03 -16.10
CA ILE B 99 10.66 -7.80 -16.65
C ILE B 99 11.77 -7.14 -17.44
N GLN B 100 11.54 -6.98 -18.75
CA GLN B 100 12.61 -6.64 -19.67
C GLN B 100 12.11 -5.78 -20.83
N ASN B 101 12.90 -4.79 -21.22
CA ASN B 101 12.58 -3.92 -22.37
C ASN B 101 11.24 -3.15 -22.25
N MET B 102 10.80 -2.91 -21.03
CA MET B 102 9.64 -2.05 -20.79
C MET B 102 10.04 -0.57 -20.71
N THR B 103 9.24 0.30 -21.32
CA THR B 103 9.35 1.75 -21.14
C THR B 103 8.15 2.20 -20.33
N ILE B 104 8.40 2.60 -19.09
CA ILE B 104 7.35 2.89 -18.13
C ILE B 104 7.52 4.33 -17.66
N GLY B 105 6.57 5.19 -18.00
CA GLY B 105 6.70 6.61 -17.70
C GLY B 105 5.47 7.32 -17.18
N LEU B 106 5.70 8.36 -16.38
CA LEU B 106 4.66 9.32 -16.04
C LEU B 106 3.42 8.63 -15.47
N LEU B 107 3.62 7.82 -14.44
CA LEU B 107 2.53 7.04 -13.87
C LEU B 107 1.58 7.85 -13.00
N GLN B 108 0.28 7.52 -13.11
CA GLN B 108 -0.74 8.02 -12.18
C GLN B 108 -0.57 7.36 -10.83
N GLY B 109 -0.99 8.06 -9.77
CA GLY B 109 -1.18 7.45 -8.48
C GLY B 109 -0.42 8.10 -7.34
N GLY B 110 0.48 9.02 -7.68
CA GLY B 110 1.34 9.67 -6.71
C GLY B 110 2.11 8.63 -5.91
N GLU B 111 1.89 8.61 -4.60
N GLU B 111 1.88 8.59 -4.61
CA GLU B 111 2.51 7.63 -3.71
CA GLU B 111 2.55 7.64 -3.72
C GLU B 111 2.27 6.18 -4.13
C GLU B 111 2.27 6.18 -4.10
N ASP B 112 1.15 5.95 -4.79
CA ASP B 112 0.77 4.59 -5.23
C ASP B 112 1.20 4.26 -6.66
N ALA B 113 1.96 5.16 -7.27
CA ALA B 113 2.47 4.98 -8.64
C ALA B 113 3.76 4.14 -8.70
N ASP B 114 3.61 2.84 -8.45
N ASP B 114 3.64 2.85 -8.41
CA ASP B 114 4.73 1.90 -8.53
CA ASP B 114 4.82 2.00 -8.48
C ASP B 114 5.13 1.64 -9.98
C ASP B 114 5.14 1.63 -9.92
N SER B 115 6.42 1.74 -10.28
CA SER B 115 6.87 1.46 -11.65
C SER B 115 7.20 -0.01 -11.80
N ILE B 116 8.17 -0.47 -11.01
CA ILE B 116 8.52 -1.89 -10.92
C ILE B 116 8.76 -2.16 -9.45
N SER B 117 7.84 -2.93 -8.85
CA SER B 117 7.82 -3.11 -7.41
C SER B 117 7.75 -4.59 -7.06
N LEU B 118 8.72 -5.03 -6.26
CA LEU B 118 8.80 -6.42 -5.82
C LEU B 118 8.65 -6.49 -4.30
N GLU B 119 7.63 -7.20 -3.86
N GLU B 119 7.59 -7.18 -3.87
CA GLU B 119 7.11 -7.03 -2.50
CA GLU B 119 7.08 -7.02 -2.50
C GLU B 119 6.83 -8.35 -1.79
C GLU B 119 6.84 -8.36 -1.80
N GLY B 120 7.49 -8.54 -0.65
CA GLY B 120 7.25 -9.69 0.20
C GLY B 120 6.03 -9.39 1.06
N ASN B 121 5.35 -10.44 1.51
CA ASN B 121 4.23 -10.30 2.43
C ASN B 121 4.07 -11.57 3.24
N SER B 122 2.94 -11.69 3.94
CA SER B 122 2.71 -12.82 4.83
C SER B 122 2.58 -14.15 4.09
N SER B 123 2.35 -14.10 2.78
CA SER B 123 2.25 -15.33 1.99
C SER B 123 3.60 -15.87 1.51
N GLY B 124 4.63 -15.03 1.51
CA GLY B 124 5.94 -15.38 0.98
C GLY B 124 6.66 -14.17 0.42
N GLU B 125 7.89 -14.37 -0.07
CA GLU B 125 8.68 -13.27 -0.60
C GLU B 125 9.21 -13.63 -1.98
N PRO B 126 9.02 -12.72 -2.96
CA PRO B 126 9.54 -12.95 -4.31
C PRO B 126 11.03 -13.23 -4.35
N SER B 127 11.44 -14.10 -5.27
CA SER B 127 12.87 -14.42 -5.45
C SER B 127 13.14 -14.80 -6.89
N LYS B 128 14.42 -14.77 -7.27
CA LYS B 128 14.83 -15.02 -8.65
C LYS B 128 14.10 -14.07 -9.61
N ILE B 129 14.40 -12.78 -9.48
CA ILE B 129 13.81 -11.75 -10.33
C ILE B 129 14.88 -11.08 -11.19
N TRP B 130 14.57 -10.88 -12.46
CA TRP B 130 15.49 -10.19 -13.35
C TRP B 130 14.79 -8.97 -13.94
N VAL B 131 15.27 -7.78 -13.54
CA VAL B 131 14.74 -6.52 -14.03
C VAL B 131 15.81 -5.96 -14.95
N ASP B 132 15.56 -6.02 -16.26
CA ASP B 132 16.62 -5.83 -17.24
C ASP B 132 16.21 -4.94 -18.39
N HIS B 133 17.09 -4.03 -18.76
CA HIS B 133 16.93 -3.22 -19.97
C HIS B 133 15.56 -2.53 -20.02
N ASN B 134 15.13 -1.99 -18.89
CA ASN B 134 13.93 -1.17 -18.86
C ASN B 134 14.30 0.31 -18.78
N THR B 135 13.42 1.17 -19.29
CA THR B 135 13.56 2.61 -19.13
C THR B 135 12.40 3.15 -18.29
N VAL B 136 12.74 3.86 -17.23
CA VAL B 136 11.75 4.30 -16.24
C VAL B 136 11.96 5.81 -16.00
N PHE B 137 10.89 6.58 -16.16
CA PHE B 137 10.99 8.01 -15.98
C PHE B 137 9.71 8.63 -15.40
N ALA B 138 9.86 9.79 -14.78
CA ALA B 138 8.72 10.57 -14.30
C ALA B 138 9.06 12.04 -14.49
N SER B 139 8.96 12.81 -13.40
CA SER B 139 9.31 14.24 -13.40
C SER B 139 9.83 14.58 -12.02
N LEU B 140 10.74 15.55 -11.98
CA LEU B 140 11.27 16.07 -10.74
C LEU B 140 10.35 17.17 -10.15
N THR B 141 9.32 17.55 -10.91
CA THR B 141 8.37 18.55 -10.43
C THR B 141 7.68 18.12 -9.12
N LYS B 142 7.60 19.04 -8.16
CA LYS B 142 6.88 18.78 -6.92
C LYS B 142 5.54 19.49 -7.01
N CYS B 143 4.51 18.70 -7.27
CA CYS B 143 3.20 19.22 -7.61
C CYS B 143 2.46 19.82 -6.42
N SER B 144 1.79 20.94 -6.69
CA SER B 144 0.93 21.62 -5.72
C SER B 144 -0.01 20.63 -5.04
N GLY B 145 0.06 20.59 -3.71
CA GLY B 145 -0.83 19.79 -2.90
C GLY B 145 -0.46 18.32 -2.77
N ALA B 146 0.58 17.88 -3.47
CA ALA B 146 0.89 16.45 -3.57
C ALA B 146 1.68 15.91 -2.39
N GLY B 147 2.12 16.80 -1.49
CA GLY B 147 3.10 16.42 -0.48
C GLY B 147 4.40 16.14 -1.21
N ASP B 148 5.11 15.10 -0.77
N ASP B 148 5.16 15.14 -0.77
CA ASP B 148 6.40 14.71 -1.39
CA ASP B 148 6.39 14.81 -1.50
C ASP B 148 6.20 13.64 -2.48
C ASP B 148 6.18 13.59 -2.41
N ALA B 149 4.95 13.43 -2.88
CA ALA B 149 4.58 12.25 -3.63
C ALA B 149 3.83 12.55 -4.94
N SER B 150 4.42 13.39 -5.79
CA SER B 150 3.90 13.62 -7.13
C SER B 150 3.99 12.32 -7.96
N PHE B 151 5.01 11.53 -7.63
CA PHE B 151 5.22 10.20 -8.18
C PHE B 151 5.82 9.33 -7.06
N ASP B 152 6.13 8.07 -7.35
CA ASP B 152 6.74 7.23 -6.31
C ASP B 152 8.01 6.49 -6.76
N GLY B 153 8.08 5.19 -6.52
CA GLY B 153 9.33 4.44 -6.70
C GLY B 153 9.61 3.99 -8.12
N GLY B 154 10.90 3.87 -8.45
CA GLY B 154 11.33 3.45 -9.79
C GLY B 154 11.43 1.94 -9.90
N ILE B 155 12.41 1.37 -9.22
CA ILE B 155 12.61 -0.07 -9.22
C ILE B 155 12.82 -0.44 -7.75
N ASP B 156 11.74 -0.87 -7.10
CA ASP B 156 11.70 -1.01 -5.64
C ASP B 156 11.53 -2.45 -5.21
N MET B 157 12.13 -2.78 -4.07
CA MET B 157 11.81 -4.02 -3.37
C MET B 157 11.77 -3.81 -1.87
N LYS B 158 11.00 -4.66 -1.19
CA LYS B 158 10.87 -4.58 0.25
C LYS B 158 10.44 -5.92 0.84
N LYS B 159 10.65 -6.07 2.15
CA LYS B 159 10.19 -7.23 2.94
C LYS B 159 10.77 -8.57 2.47
N GLY B 160 12.07 -8.59 2.22
CA GLY B 160 12.75 -9.87 2.05
C GLY B 160 12.73 -10.49 0.66
N VAL B 161 12.40 -9.70 -0.36
CA VAL B 161 12.62 -10.11 -1.75
C VAL B 161 14.13 -10.40 -1.89
N HIS B 162 14.50 -11.53 -2.50
CA HIS B 162 15.92 -11.92 -2.53
C HIS B 162 16.33 -12.55 -3.84
N HIS B 163 17.62 -12.52 -4.13
CA HIS B 163 18.19 -13.08 -5.35
C HIS B 163 17.59 -12.42 -6.60
N VAL B 164 17.98 -11.15 -6.75
CA VAL B 164 17.46 -10.29 -7.79
C VAL B 164 18.65 -9.65 -8.52
N THR B 165 18.60 -9.63 -9.84
CA THR B 165 19.50 -8.81 -10.65
C THR B 165 18.76 -7.62 -11.28
N VAL B 166 19.25 -6.41 -11.03
CA VAL B 166 18.73 -5.20 -11.64
C VAL B 166 19.82 -4.67 -12.57
N SER B 167 19.61 -4.82 -13.87
CA SER B 167 20.70 -4.57 -14.82
C SER B 167 20.28 -3.88 -16.09
N TYR B 168 21.18 -3.03 -16.59
CA TYR B 168 21.00 -2.31 -17.86
C TYR B 168 19.72 -1.49 -17.94
N ASN B 169 19.28 -1.00 -16.78
CA ASN B 169 18.11 -0.13 -16.75
C ASN B 169 18.52 1.33 -16.85
N TYR B 170 17.64 2.15 -17.40
CA TYR B 170 17.83 3.59 -17.52
C TYR B 170 16.72 4.26 -16.75
N VAL B 171 17.07 4.96 -15.68
CA VAL B 171 16.08 5.65 -14.85
C VAL B 171 16.40 7.13 -14.72
N TYR B 172 15.52 7.98 -15.24
CA TYR B 172 15.85 9.39 -15.44
C TYR B 172 14.64 10.27 -15.20
N ASN B 173 14.89 11.48 -14.70
CA ASN B 173 13.81 12.41 -14.34
C ASN B 173 12.95 11.81 -13.23
N TYR B 174 13.62 11.28 -12.23
CA TYR B 174 12.97 10.48 -11.19
C TYR B 174 13.47 10.93 -9.82
N GLN B 175 12.53 11.23 -8.93
CA GLN B 175 12.92 11.69 -7.62
C GLN B 175 13.50 10.55 -6.77
N LYS B 176 12.82 9.41 -6.74
CA LYS B 176 13.19 8.29 -5.85
C LYS B 176 13.42 7.03 -6.68
N VAL B 177 14.68 6.75 -6.97
CA VAL B 177 15.05 5.73 -7.97
C VAL B 177 14.75 4.28 -7.56
N ALA B 178 15.33 3.82 -6.45
CA ALA B 178 15.31 2.41 -6.11
C ALA B 178 15.32 2.18 -4.60
N LEU B 179 14.18 1.70 -4.09
CA LEU B 179 14.07 1.39 -2.66
C LEU B 179 14.37 -0.08 -2.42
N ASN B 180 15.08 -0.37 -1.34
CA ASN B 180 15.38 -1.76 -0.97
C ASN B 180 15.25 -1.89 0.54
N GLY B 181 14.03 -2.21 0.97
CA GLY B 181 13.67 -2.18 2.39
C GLY B 181 12.88 -0.91 2.66
N TYR B 182 11.63 -1.06 3.09
CA TYR B 182 10.71 0.08 3.10
C TYR B 182 10.78 0.95 4.35
N SER B 183 11.34 0.41 5.44
CA SER B 183 11.49 1.17 6.68
C SER B 183 12.51 0.49 7.57
N ASP B 184 12.95 1.19 8.63
CA ASP B 184 13.93 0.65 9.54
C ASP B 184 13.43 -0.58 10.27
N SER B 185 12.11 -0.76 10.33
CA SER B 185 11.49 -1.92 10.95
C SER B 185 11.25 -3.08 9.96
N ASP B 186 11.65 -2.90 8.70
CA ASP B 186 11.58 -3.95 7.68
C ASP B 186 12.69 -4.99 7.92
N THR B 187 12.51 -5.82 8.95
CA THR B 187 13.52 -6.80 9.36
C THR B 187 13.67 -7.99 8.40
N LYS B 188 12.61 -8.32 7.64
CA LYS B 188 12.68 -9.37 6.62
C LYS B 188 13.70 -9.06 5.52
N ASN B 189 13.97 -7.77 5.33
CA ASN B 189 14.94 -7.34 4.31
C ASN B 189 16.40 -7.72 4.55
N SER B 190 16.67 -8.32 5.72
CA SER B 190 17.99 -8.89 5.98
C SER B 190 18.31 -10.02 5.02
N ALA B 191 17.27 -10.66 4.47
CA ALA B 191 17.43 -11.72 3.46
C ALA B 191 17.75 -11.21 2.06
N ALA B 192 17.64 -9.91 1.83
CA ALA B 192 17.81 -9.35 0.47
C ALA B 192 19.22 -9.59 -0.09
N ARG B 193 19.27 -10.07 -1.33
CA ARG B 193 20.54 -10.27 -2.04
C ARG B 193 20.34 -9.75 -3.47
N THR B 194 20.89 -8.58 -3.75
CA THR B 194 20.58 -7.86 -4.98
C THR B 194 21.83 -7.42 -5.72
N THR B 195 21.88 -7.68 -7.02
CA THR B 195 22.94 -7.14 -7.86
C THR B 195 22.39 -6.02 -8.73
N TYR B 196 22.93 -4.83 -8.56
CA TYR B 196 22.63 -3.71 -9.46
C TYR B 196 23.85 -3.44 -10.33
N HIS B 197 23.73 -3.69 -11.63
CA HIS B 197 24.85 -3.47 -12.53
C HIS B 197 24.47 -2.92 -13.90
N HIS B 198 25.35 -2.08 -14.46
CA HIS B 198 25.16 -1.49 -15.79
C HIS B 198 23.91 -0.65 -15.94
N ASN B 199 23.44 -0.09 -14.83
CA ASN B 199 22.32 0.83 -14.87
C ASN B 199 22.76 2.26 -15.13
N ARG B 200 21.89 3.01 -15.80
CA ARG B 200 22.11 4.42 -16.06
C ARG B 200 21.18 5.23 -15.15
N PHE B 201 21.76 6.06 -14.30
CA PHE B 201 21.00 6.89 -13.38
C PHE B 201 21.30 8.36 -13.67
N GLU B 202 20.33 9.08 -14.22
CA GLU B 202 20.60 10.42 -14.72
C GLU B 202 19.46 11.39 -14.44
N ASN B 203 19.80 12.56 -13.88
CA ASN B 203 18.80 13.56 -13.51
CA ASN B 203 18.81 13.58 -13.48
C ASN B 203 17.80 12.96 -12.53
N VAL B 204 18.32 12.49 -11.40
CA VAL B 204 17.56 11.85 -10.35
C VAL B 204 17.98 12.48 -9.02
N GLU B 205 17.14 12.35 -8.00
N GLU B 205 17.14 12.37 -7.99
CA GLU B 205 17.36 13.04 -6.75
CA GLU B 205 17.43 13.06 -6.74
C GLU B 205 18.04 12.17 -5.69
C GLU B 205 18.06 12.16 -5.66
N SER B 206 17.48 10.98 -5.43
CA SER B 206 17.91 10.14 -4.32
C SER B 206 17.50 8.68 -4.48
N ARG B 207 17.95 7.84 -3.54
CA ARG B 207 17.59 6.43 -3.53
C ARG B 207 18.20 5.70 -4.72
N VAL B 208 19.52 5.53 -4.68
CA VAL B 208 20.27 5.05 -5.83
C VAL B 208 21.42 4.14 -5.41
N PRO B 209 21.09 3.06 -4.71
CA PRO B 209 19.74 2.89 -4.14
C PRO B 209 19.71 3.29 -2.67
N LEU B 210 18.51 3.38 -2.11
CA LEU B 210 18.33 3.28 -0.66
C LEU B 210 18.27 1.82 -0.22
N GLN B 211 19.34 1.37 0.42
CA GLN B 211 19.41 0.00 0.93
C GLN B 211 19.29 -0.05 2.45
N ARG B 212 18.31 -0.82 2.95
CA ARG B 212 18.22 -1.15 4.37
C ARG B 212 18.43 -2.65 4.56
N ARG B 213 19.44 -3.00 5.34
CA ARG B 213 19.80 -4.39 5.61
C ARG B 213 20.21 -5.15 4.35
N GLY B 214 20.49 -6.44 4.52
CA GLY B 214 20.81 -7.32 3.40
C GLY B 214 22.16 -7.04 2.78
N LEU B 215 22.41 -7.74 1.68
CA LEU B 215 23.66 -7.60 0.96
C LEU B 215 23.37 -7.20 -0.46
N SER B 216 24.17 -6.26 -0.95
CA SER B 216 24.08 -5.87 -2.35
C SER B 216 25.44 -5.79 -3.02
N HIS B 217 25.42 -5.97 -4.34
CA HIS B 217 26.58 -5.79 -5.20
C HIS B 217 26.23 -4.74 -6.23
N ILE B 218 26.88 -3.58 -6.13
CA ILE B 218 26.58 -2.42 -6.97
C ILE B 218 27.81 -2.10 -7.81
N TYR B 219 27.76 -2.52 -9.09
CA TYR B 219 28.93 -2.43 -9.95
C TYR B 219 28.59 -1.98 -11.36
N ASN B 220 29.54 -1.28 -11.99
CA ASN B 220 29.45 -0.85 -13.38
C ASN B 220 28.22 0.02 -13.68
N ASN B 221 27.76 0.77 -12.67
CA ASN B 221 26.67 1.73 -12.90
C ASN B 221 27.19 3.14 -13.19
N TYR B 222 26.43 3.88 -13.99
CA TYR B 222 26.76 5.26 -14.32
C TYR B 222 25.78 6.23 -13.65
N PHE B 223 26.34 7.10 -12.81
CA PHE B 223 25.60 8.11 -12.09
C PHE B 223 26.02 9.46 -12.64
N ASN B 224 25.04 10.25 -13.06
CA ASN B 224 25.27 11.61 -13.53
C ASN B 224 24.08 12.52 -13.19
N ASN B 225 24.39 13.69 -12.61
CA ASN B 225 23.35 14.62 -12.14
C ASN B 225 22.40 13.96 -11.12
N VAL B 226 23.00 13.47 -10.04
CA VAL B 226 22.25 12.95 -8.91
C VAL B 226 22.33 13.90 -7.73
N THR B 227 21.25 14.62 -7.48
CA THR B 227 21.29 15.93 -6.83
C THR B 227 21.17 15.96 -5.29
N THR B 228 20.62 14.91 -4.68
CA THR B 228 20.53 14.86 -3.21
C THR B 228 21.46 13.80 -2.63
N SER B 229 21.30 12.55 -3.05
CA SER B 229 22.19 11.47 -2.59
C SER B 229 22.15 10.27 -3.51
N GLY B 230 23.22 9.46 -3.48
CA GLY B 230 23.32 8.30 -4.36
C GLY B 230 23.06 7.00 -3.61
N ILE B 231 24.10 6.19 -3.51
CA ILE B 231 24.02 4.92 -2.78
C ILE B 231 23.92 5.23 -1.30
N ASN B 232 22.80 4.81 -0.69
CA ASN B 232 22.53 5.07 0.72
C ASN B 232 22.32 3.76 1.45
N VAL B 233 23.37 3.29 2.12
CA VAL B 233 23.33 2.01 2.80
C VAL B 233 23.05 2.22 4.29
N ARG B 234 22.02 1.54 4.79
CA ARG B 234 21.50 1.80 6.13
C ARG B 234 21.15 0.50 6.84
N MET B 235 20.97 0.60 8.16
CA MET B 235 20.51 -0.52 9.00
C MET B 235 21.40 -1.77 8.90
N GLY B 236 22.71 -1.56 8.94
CA GLY B 236 23.64 -2.68 8.95
C GLY B 236 23.78 -3.39 7.62
N GLY B 237 23.10 -2.87 6.59
CA GLY B 237 23.25 -3.41 5.24
C GLY B 237 24.69 -3.23 4.79
N ILE B 238 25.17 -4.11 3.93
CA ILE B 238 26.50 -3.97 3.34
C ILE B 238 26.40 -4.01 1.81
N ALA B 239 27.05 -3.06 1.16
CA ALA B 239 27.11 -2.99 -0.30
C ALA B 239 28.55 -3.15 -0.81
N LYS B 240 28.75 -4.06 -1.74
CA LYS B 240 30.01 -4.06 -2.48
C LYS B 240 29.85 -3.11 -3.67
N ILE B 241 30.56 -1.99 -3.59
CA ILE B 241 30.44 -0.93 -4.59
C ILE B 241 31.69 -0.93 -5.46
N GLU B 242 31.53 -1.37 -6.70
CA GLU B 242 32.67 -1.73 -7.53
C GLU B 242 32.62 -1.17 -8.95
N SER B 243 33.67 -0.47 -9.36
CA SER B 243 33.84 -0.05 -10.75
C SER B 243 32.61 0.67 -11.34
N ASN B 244 32.02 1.55 -10.55
CA ASN B 244 30.98 2.46 -11.00
C ASN B 244 31.64 3.73 -11.52
N TYR B 245 30.86 4.55 -12.25
CA TYR B 245 31.36 5.81 -12.79
C TYR B 245 30.51 6.92 -12.21
N PHE B 246 31.09 7.70 -11.31
CA PHE B 246 30.34 8.78 -10.67
C PHE B 246 30.75 10.14 -11.23
N GLU B 247 29.77 10.94 -11.64
CA GLU B 247 30.02 12.35 -11.92
C GLU B 247 28.79 13.18 -11.60
N ASN B 248 29.00 14.47 -11.33
CA ASN B 248 27.92 15.40 -11.02
C ASN B 248 26.90 14.78 -10.05
N ILE B 249 27.40 14.35 -8.90
CA ILE B 249 26.60 13.64 -7.90
C ILE B 249 26.93 14.12 -6.49
N LYS B 250 25.89 14.48 -5.74
CA LYS B 250 26.01 14.82 -4.33
C LYS B 250 25.85 13.54 -3.50
N ASN B 251 26.66 13.41 -2.45
CA ASN B 251 26.60 12.26 -1.53
C ASN B 251 26.55 10.90 -2.24
N PRO B 252 27.51 10.62 -3.16
CA PRO B 252 27.44 9.41 -3.98
C PRO B 252 27.39 8.11 -3.19
N VAL B 253 28.10 8.07 -2.07
CA VAL B 253 28.10 6.91 -1.21
C VAL B 253 27.95 7.44 0.20
N THR B 254 26.85 7.06 0.84
CA THR B 254 26.49 7.63 2.13
C THR B 254 25.71 6.63 2.96
N SER B 255 25.65 6.85 4.27
CA SER B 255 24.68 6.23 5.15
C SER B 255 24.01 7.33 5.94
N ARG B 256 22.70 7.48 5.78
CA ARG B 256 21.98 8.56 6.47
C ARG B 256 20.49 8.26 6.69
N ASP B 257 19.93 8.86 7.74
CA ASP B 257 18.49 8.91 8.02
C ASP B 257 17.87 7.66 8.66
N SER B 258 18.67 6.63 8.89
CA SER B 258 18.22 5.49 9.69
C SER B 258 18.81 5.56 11.10
N SER B 259 18.28 4.74 12.01
CA SER B 259 18.76 4.67 13.38
C SER B 259 20.13 4.03 13.47
N GLU B 260 20.44 3.17 12.50
N GLU B 260 20.42 3.14 12.51
CA GLU B 260 21.76 2.53 12.44
CA GLU B 260 21.72 2.46 12.40
C GLU B 260 22.35 2.59 11.05
C GLU B 260 22.32 2.71 11.02
N ILE B 261 23.64 2.87 10.97
CA ILE B 261 24.34 3.04 9.68
C ILE B 261 24.51 1.70 8.95
N GLY B 262 24.74 1.81 7.65
CA GLY B 262 25.09 0.66 6.82
C GLY B 262 26.51 0.85 6.32
N TYR B 263 27.01 -0.11 5.55
CA TYR B 263 28.44 -0.20 5.28
C TYR B 263 28.74 -0.44 3.81
N TRP B 264 29.97 -0.14 3.41
CA TRP B 264 30.37 -0.31 2.02
C TRP B 264 31.76 -0.93 1.93
N ASP B 265 31.94 -1.85 0.99
CA ASP B 265 33.26 -2.25 0.53
C ASP B 265 33.51 -1.73 -0.89
N LEU B 266 34.41 -0.76 -1.02
CA LEU B 266 34.60 -0.05 -2.28
C LEU B 266 35.81 -0.60 -3.04
N ILE B 267 35.65 -0.75 -4.35
CA ILE B 267 36.71 -1.30 -5.18
C ILE B 267 36.67 -0.66 -6.58
N ASN B 268 37.77 -0.01 -6.97
CA ASN B 268 37.97 0.51 -8.34
C ASN B 268 36.88 1.41 -8.91
N ASN B 269 36.32 2.29 -8.09
CA ASN B 269 35.33 3.22 -8.61
C ASN B 269 35.99 4.38 -9.35
N TYR B 270 35.41 4.73 -10.50
CA TYR B 270 35.84 5.93 -11.19
C TYR B 270 35.12 7.14 -10.59
N VAL B 271 35.88 8.02 -9.95
CA VAL B 271 35.34 9.23 -9.35
C VAL B 271 35.65 10.43 -10.26
N GLY B 272 34.62 10.90 -10.98
CA GLY B 272 34.78 11.99 -11.93
C GLY B 272 34.65 13.37 -11.30
N SER B 273 34.34 14.36 -12.13
CA SER B 273 34.17 15.73 -11.65
C SER B 273 32.75 15.96 -11.16
N GLY B 274 32.58 17.01 -10.37
CA GLY B 274 31.24 17.39 -9.92
C GLY B 274 30.73 16.61 -8.71
N ILE B 275 31.64 16.01 -7.96
CA ILE B 275 31.27 15.32 -6.72
C ILE B 275 31.17 16.33 -5.58
N THR B 276 30.03 16.33 -4.91
CA THR B 276 29.82 17.20 -3.77
C THR B 276 29.26 16.39 -2.60
N TRP B 277 29.39 16.96 -1.40
CA TRP B 277 28.90 16.32 -0.19
C TRP B 277 28.14 17.30 0.67
N GLY B 278 27.21 16.77 1.47
CA GLY B 278 26.43 17.58 2.38
C GLY B 278 26.11 16.87 3.67
N THR B 279 25.60 17.63 4.62
CA THR B 279 25.26 17.14 5.94
C THR B 279 23.75 16.98 6.04
N PRO B 280 23.28 15.79 6.46
CA PRO B 280 21.84 15.60 6.60
C PRO B 280 21.34 16.34 7.83
N ASP B 281 20.12 16.86 7.76
CA ASP B 281 19.48 17.48 8.91
C ASP B 281 19.13 16.43 9.95
N GLY B 282 19.02 16.85 11.20
CA GLY B 282 18.57 15.96 12.27
C GLY B 282 19.68 15.65 13.26
N SER B 283 19.38 14.75 14.19
CA SER B 283 20.31 14.37 15.24
C SER B 283 20.80 12.93 15.09
N LYS B 284 20.49 12.30 13.96
CA LYS B 284 20.96 10.94 13.69
C LYS B 284 22.41 10.98 13.20
N PRO B 285 23.19 9.93 13.49
CA PRO B 285 24.53 9.87 12.92
C PRO B 285 24.45 9.60 11.41
N TYR B 286 25.51 9.92 10.70
CA TYR B 286 25.61 9.61 9.27
C TYR B 286 27.05 9.28 8.90
N ALA B 287 27.25 8.90 7.64
CA ALA B 287 28.57 8.65 7.10
C ALA B 287 28.57 9.08 5.64
N ASN B 288 29.68 9.68 5.22
CA ASN B 288 29.92 10.11 3.85
C ASN B 288 31.25 9.54 3.41
N ALA B 289 31.28 8.82 2.27
CA ALA B 289 32.52 8.20 1.83
C ALA B 289 33.45 9.22 1.14
N THR B 290 33.80 10.28 1.87
CA THR B 290 34.52 11.43 1.27
C THR B 290 35.92 11.05 0.77
N ASN B 291 36.54 10.08 1.44
N ASN B 291 36.54 10.08 1.44
CA ASN B 291 37.86 9.59 1.06
CA ASN B 291 37.87 9.61 1.05
C ASN B 291 37.84 8.23 0.36
C ASN B 291 37.85 8.26 0.31
N TRP B 292 36.65 7.73 0.04
CA TRP B 292 36.45 6.49 -0.72
C TRP B 292 37.07 5.25 -0.07
N ILE B 293 36.97 5.21 1.25
CA ILE B 293 37.52 4.13 2.05
C ILE B 293 36.39 3.19 2.47
N SER B 294 36.64 1.89 2.34
CA SER B 294 35.70 0.87 2.77
C SER B 294 35.45 0.94 4.28
N THR B 295 34.21 0.69 4.70
CA THR B 295 33.91 0.64 6.12
C THR B 295 33.61 -0.78 6.59
N LYS B 296 33.32 -1.67 5.65
CA LYS B 296 33.17 -3.09 5.95
C LYS B 296 33.41 -3.95 4.71
N VAL B 297 34.18 -5.01 4.90
CA VAL B 297 34.44 -5.99 3.86
C VAL B 297 33.17 -6.81 3.59
N PHE B 298 32.87 -7.06 2.31
CA PHE B 298 31.71 -7.88 1.94
C PHE B 298 31.90 -9.29 2.53
N PRO B 299 31.00 -9.69 3.46
CA PRO B 299 31.24 -10.77 4.42
C PRO B 299 31.13 -12.22 3.93
N GLU B 300 30.59 -12.44 2.74
CA GLU B 300 30.40 -13.81 2.25
C GLU B 300 30.67 -13.91 0.75
N SER B 301 30.74 -15.15 0.26
CA SER B 301 30.88 -15.38 -1.17
C SER B 301 29.62 -14.90 -1.89
N LEU B 302 29.81 -14.11 -2.95
CA LEU B 302 28.70 -13.68 -3.80
C LEU B 302 28.03 -14.88 -4.46
N GLY B 303 28.79 -15.94 -4.70
CA GLY B 303 28.23 -17.18 -5.23
C GLY B 303 28.01 -17.15 -6.72
N TYR B 304 28.57 -16.12 -7.38
CA TYR B 304 28.51 -16.04 -8.83
C TYR B 304 29.76 -15.42 -9.42
N ILE B 305 29.91 -15.60 -10.73
CA ILE B 305 30.99 -15.06 -11.51
C ILE B 305 30.46 -13.91 -12.34
N TYR B 306 31.28 -12.87 -12.51
CA TYR B 306 30.85 -11.67 -13.24
C TYR B 306 31.97 -11.00 -14.07
N THR B 307 31.59 -10.45 -15.22
N THR B 307 31.60 -10.41 -15.19
CA THR B 307 32.47 -9.66 -16.07
CA THR B 307 32.56 -9.70 -16.05
C THR B 307 32.40 -8.21 -15.60
C THR B 307 32.50 -8.18 -15.86
N VAL B 308 33.55 -7.63 -15.26
CA VAL B 308 33.60 -6.19 -14.90
C VAL B 308 34.10 -5.33 -16.06
N THR B 309 33.27 -4.39 -16.50
CA THR B 309 33.66 -3.36 -17.46
C THR B 309 34.66 -2.45 -16.77
N PRO B 310 35.81 -2.19 -17.40
CA PRO B 310 36.74 -1.20 -16.84
C PRO B 310 35.99 0.06 -16.40
N ALA B 311 36.16 0.46 -15.14
CA ALA B 311 35.40 1.57 -14.54
C ALA B 311 35.40 2.85 -15.39
N ALA B 312 36.57 3.18 -15.95
CA ALA B 312 36.70 4.38 -16.79
C ALA B 312 35.85 4.31 -18.06
N GLN B 313 35.52 3.11 -18.50
CA GLN B 313 34.71 2.92 -19.72
C GLN B 313 33.21 2.72 -19.42
N VAL B 314 32.85 2.81 -18.14
CA VAL B 314 31.46 2.57 -17.71
C VAL B 314 30.48 3.63 -18.25
N LYS B 315 30.86 4.90 -18.20
CA LYS B 315 30.03 5.96 -18.78
C LYS B 315 29.63 5.62 -20.21
N ALA B 316 30.62 5.39 -21.07
CA ALA B 316 30.38 5.09 -22.48
C ALA B 316 29.57 3.79 -22.66
N LYS B 317 29.98 2.72 -21.98
CA LYS B 317 29.33 1.40 -22.08
C LYS B 317 27.86 1.44 -21.66
N VAL B 318 27.60 2.04 -20.49
CA VAL B 318 26.24 2.14 -19.98
C VAL B 318 25.34 3.03 -20.86
N ILE B 319 25.84 4.20 -21.27
CA ILE B 319 25.10 5.05 -22.22
C ILE B 319 24.73 4.24 -23.46
N ALA B 320 25.67 3.40 -23.92
CA ALA B 320 25.46 2.60 -25.13
C ALA B 320 24.43 1.48 -24.96
N THR B 321 24.37 0.88 -23.78
CA THR B 321 23.67 -0.39 -23.59
C THR B 321 22.43 -0.37 -22.68
N ALA B 322 22.33 0.63 -21.81
CA ALA B 322 21.26 0.67 -20.79
C ALA B 322 19.96 1.21 -21.33
N GLY B 323 18.85 0.61 -20.90
CA GLY B 323 17.53 1.06 -21.29
C GLY B 323 16.81 0.11 -22.24
N ALA B 324 15.52 0.35 -22.42
CA ALA B 324 14.71 -0.31 -23.43
C ALA B 324 15.10 0.20 -24.83
N GLY B 325 14.77 -0.57 -25.85
CA GLY B 325 15.06 -0.16 -27.24
C GLY B 325 16.52 -0.24 -27.68
N LYS B 326 17.31 -0.99 -26.91
CA LYS B 326 18.73 -1.17 -27.18
C LYS B 326 19.06 -2.58 -27.68
N ASN B 327 18.02 -3.34 -28.03
N ASN B 327 18.02 -3.33 -28.02
CA ASN B 327 18.16 -4.73 -28.47
CA ASN B 327 18.14 -4.73 -28.45
C ASN B 327 18.83 -5.62 -27.43
C ASN B 327 18.84 -5.62 -27.43
N LEU B 328 18.64 -5.29 -26.15
CA LEU B 328 19.23 -6.02 -25.02
C LEU B 328 20.76 -6.09 -25.03
N ALA B 329 21.41 -5.08 -25.62
CA ALA B 329 22.87 -5.09 -25.77
C ALA B 329 23.56 -5.04 -24.42
N GLU B 330 24.67 -5.77 -24.30
CA GLU B 330 25.42 -5.87 -23.04
C GLU B 330 26.84 -5.31 -23.16
P PO4 C . -2.38 -7.58 15.57
O1 PO4 C . -1.37 -6.51 15.90
O2 PO4 C . -3.57 -7.49 16.49
O3 PO4 C . -2.86 -7.42 14.15
O4 PO4 C . -1.70 -8.93 15.74
P PO4 D . -6.78 -15.59 22.41
O1 PO4 D . -7.31 -14.67 23.47
O2 PO4 D . -6.35 -16.90 23.04
O3 PO4 D . -7.84 -15.84 21.38
O4 PO4 D . -5.57 -14.96 21.76
P PO4 E . 14.61 8.96 3.95
O1 PO4 E . 14.84 10.24 4.73
O2 PO4 E . 14.21 7.84 4.89
O3 PO4 E . 13.52 9.20 2.95
O4 PO4 E . 15.89 8.61 3.23
P PO4 F . 22.12 16.99 1.86
O1 PO4 F . 22.27 18.46 2.25
O2 PO4 F . 20.98 16.41 2.67
O3 PO4 F . 21.79 16.90 0.40
O4 PO4 F . 23.42 16.28 2.14
P PO4 G . 39.93 7.85 -10.76
O1 PO4 G . 40.91 8.99 -10.72
O2 PO4 G . 40.04 7.06 -9.47
O3 PO4 G . 38.53 8.40 -10.88
O4 PO4 G . 40.24 6.94 -11.93
#